data_5CH6
#
_entry.id   5CH6
#
_cell.length_a   148.884
_cell.length_b   148.884
_cell.length_c   262.326
_cell.angle_alpha   90.00
_cell.angle_beta   90.00
_cell.angle_gamma   90.00
#
_symmetry.space_group_name_H-M   'P 43 21 2'
#
_entity_poly.entity_id   1
_entity_poly.type   'polypeptide(L)'
_entity_poly.pdbx_seq_one_letter_code
;PAQTSVSELGFLCGMMRSRGLRKYIISHLSDVAKLREEVPAALKGAPKPAKLVLECIGRFFLQGSKAFGKATHMVPSRQA
SLLILEFFLLSDCTEMEPSVKEEADLAAVTWRKRLINEGGVSNASDIDARGLLLLVASFGIPALFRNEDLRNLIRLSCPK
EISDALRRSRFLLARVPDVIQGMIKNQMNVEAVDFAYTFGLEEKFPIWKILTSFLREHKEEWKRTREEDSPIRLKKANEN
YLSAMKSVTRCLEDHRVDPSKLLSGWHIDEKIIQLEKEMADLDKKMEGK
;
_entity_poly.pdbx_strand_id   A,B,C
#
# COMPACT_ATOMS: atom_id res chain seq x y z
N PRO A 1 -14.56 -17.91 -48.40
CA PRO A 1 -14.05 -18.48 -47.13
C PRO A 1 -15.13 -18.65 -46.05
N ALA A 2 -15.54 -19.88 -45.80
CA ALA A 2 -16.53 -20.14 -44.73
C ALA A 2 -15.84 -20.41 -43.39
N GLN A 3 -14.53 -20.16 -43.37
CA GLN A 3 -13.68 -20.12 -42.16
C GLN A 3 -14.16 -19.11 -41.09
N THR A 4 -15.10 -18.25 -41.48
CA THR A 4 -15.71 -17.27 -40.57
C THR A 4 -16.88 -17.93 -39.82
N SER A 5 -16.98 -19.23 -40.05
CA SER A 5 -17.90 -20.12 -39.37
C SER A 5 -17.49 -20.37 -37.91
N VAL A 6 -16.28 -19.94 -37.53
CA VAL A 6 -15.85 -20.06 -36.13
C VAL A 6 -15.94 -18.73 -35.39
N SER A 7 -15.69 -18.73 -34.08
CA SER A 7 -15.91 -17.54 -33.28
C SER A 7 -14.59 -16.80 -33.22
N GLU A 8 -14.60 -15.58 -32.70
CA GLU A 8 -13.38 -14.80 -32.67
C GLU A 8 -12.53 -15.28 -31.52
N LEU A 9 -13.21 -15.75 -30.47
CA LEU A 9 -12.56 -16.27 -29.29
C LEU A 9 -11.92 -17.59 -29.70
N GLY A 10 -12.71 -18.41 -30.40
CA GLY A 10 -12.27 -19.69 -30.89
C GLY A 10 -11.06 -19.57 -31.80
N PHE A 11 -11.12 -18.61 -32.71
CA PHE A 11 -10.00 -18.35 -33.62
C PHE A 11 -8.80 -17.96 -32.79
N LEU A 12 -9.02 -17.02 -31.89
CA LEU A 12 -7.92 -16.52 -31.09
C LEU A 12 -7.21 -17.62 -30.31
N CYS A 13 -7.98 -18.54 -29.73
CA CYS A 13 -7.43 -19.64 -28.97
C CYS A 13 -6.73 -20.66 -29.86
N GLY A 14 -7.43 -21.07 -30.92
CA GLY A 14 -6.89 -22.07 -31.83
C GLY A 14 -5.62 -21.60 -32.51
N MET A 15 -5.62 -20.35 -32.95
CA MET A 15 -4.49 -19.78 -33.67
C MET A 15 -3.33 -19.48 -32.74
N MET A 16 -3.64 -19.51 -31.44
CA MET A 16 -2.71 -19.20 -30.34
C MET A 16 -2.03 -17.86 -30.41
N ARG A 17 -2.81 -16.78 -30.39
CA ARG A 17 -2.21 -15.47 -30.28
C ARG A 17 -2.39 -15.03 -28.84
N SER A 18 -1.32 -15.08 -28.06
CA SER A 18 -1.39 -14.63 -26.68
C SER A 18 -1.88 -13.19 -26.74
N ARG A 19 -1.09 -12.35 -27.38
CA ARG A 19 -1.40 -10.93 -27.50
C ARG A 19 -2.85 -10.68 -27.92
N GLY A 20 -3.33 -11.44 -28.90
CA GLY A 20 -4.68 -11.26 -29.39
C GLY A 20 -5.74 -11.60 -28.37
N LEU A 21 -5.51 -12.67 -27.60
CA LEU A 21 -6.44 -13.08 -26.56
C LEU A 21 -6.46 -12.02 -25.46
N ARG A 22 -5.29 -11.54 -25.06
CA ARG A 22 -5.23 -10.45 -24.10
C ARG A 22 -6.04 -9.25 -24.62
N LYS A 23 -5.65 -8.68 -25.75
CA LYS A 23 -6.41 -7.56 -26.29
C LYS A 23 -7.93 -7.82 -26.32
N TYR A 24 -8.33 -9.01 -26.75
CA TYR A 24 -9.75 -9.36 -26.79
C TYR A 24 -10.41 -9.26 -25.42
N ILE A 25 -9.84 -9.95 -24.41
CA ILE A 25 -10.36 -9.92 -23.03
C ILE A 25 -10.40 -8.51 -22.41
N ILE A 26 -9.26 -7.81 -22.48
CA ILE A 26 -9.18 -6.41 -22.12
C ILE A 26 -10.33 -5.59 -22.71
N SER A 27 -10.63 -5.82 -24.00
CA SER A 27 -11.70 -5.10 -24.68
C SER A 27 -13.14 -5.46 -24.25
N HIS A 28 -13.37 -6.69 -23.84
CA HIS A 28 -14.70 -7.12 -23.42
C HIS A 28 -14.88 -7.01 -21.93
N LEU A 29 -13.89 -6.40 -21.28
CA LEU A 29 -13.91 -6.22 -19.82
C LEU A 29 -15.18 -5.61 -19.24
N SER A 30 -15.90 -4.82 -20.04
CA SER A 30 -17.16 -4.23 -19.62
C SER A 30 -18.04 -5.33 -19.04
N ASP A 31 -18.31 -6.37 -19.82
CA ASP A 31 -19.04 -7.53 -19.30
C ASP A 31 -18.10 -8.72 -19.08
N VAL A 32 -17.77 -8.98 -17.81
CA VAL A 32 -16.93 -10.11 -17.42
C VAL A 32 -17.73 -11.40 -17.22
N ALA A 33 -19.03 -11.26 -16.96
CA ALA A 33 -19.87 -12.42 -16.69
C ALA A 33 -19.98 -13.33 -17.93
N LYS A 34 -19.89 -12.71 -19.11
CA LYS A 34 -19.95 -13.43 -20.38
C LYS A 34 -18.63 -14.15 -20.61
N LEU A 35 -17.54 -13.40 -20.53
CA LEU A 35 -16.20 -13.98 -20.65
C LEU A 35 -16.08 -15.22 -19.75
N ARG A 36 -16.67 -15.18 -18.56
CA ARG A 36 -16.55 -16.34 -17.67
C ARG A 36 -17.22 -17.59 -18.23
N GLU A 37 -18.34 -17.46 -18.94
CA GLU A 37 -18.96 -18.64 -19.54
C GLU A 37 -18.32 -19.05 -20.88
N GLU A 38 -17.88 -18.06 -21.67
CA GLU A 38 -17.30 -18.30 -23.00
C GLU A 38 -15.81 -18.72 -23.07
N VAL A 39 -14.93 -18.03 -22.35
CA VAL A 39 -13.49 -18.28 -22.44
C VAL A 39 -13.02 -19.63 -21.91
N PRO A 40 -13.53 -20.09 -20.75
CA PRO A 40 -12.96 -21.37 -20.34
C PRO A 40 -13.23 -22.42 -21.39
N ALA A 41 -14.38 -22.34 -22.05
CA ALA A 41 -14.69 -23.23 -23.17
C ALA A 41 -13.65 -23.12 -24.28
N ALA A 42 -13.66 -21.98 -24.97
CA ALA A 42 -12.79 -21.79 -26.14
C ALA A 42 -11.33 -22.13 -25.83
N LEU A 43 -10.99 -22.11 -24.54
CA LEU A 43 -9.62 -22.36 -24.08
C LEU A 43 -9.14 -23.79 -24.38
N LYS A 44 -10.04 -24.75 -24.24
CA LYS A 44 -9.65 -26.14 -24.48
C LYS A 44 -9.54 -26.41 -25.98
N GLY A 45 -10.00 -25.45 -26.78
CA GLY A 45 -9.96 -25.56 -28.23
C GLY A 45 -8.68 -25.03 -28.84
N ALA A 46 -7.63 -25.02 -28.03
CA ALA A 46 -6.35 -24.51 -28.46
C ALA A 46 -5.37 -25.65 -28.50
N PRO A 47 -4.34 -25.54 -29.33
CA PRO A 47 -3.32 -26.57 -29.37
C PRO A 47 -2.68 -26.87 -28.01
N LYS A 48 -2.21 -25.85 -27.30
CA LYS A 48 -1.55 -26.06 -26.02
C LYS A 48 -2.01 -25.04 -24.97
N PRO A 49 -3.11 -25.35 -24.25
CA PRO A 49 -3.73 -24.30 -23.43
C PRO A 49 -2.80 -23.70 -22.35
N ALA A 50 -2.01 -24.53 -21.66
CA ALA A 50 -1.09 -23.99 -20.65
C ALA A 50 -0.01 -23.05 -21.20
N LYS A 51 0.57 -23.39 -22.35
CA LYS A 51 1.56 -22.50 -22.95
C LYS A 51 0.92 -21.21 -23.39
N LEU A 52 -0.35 -21.28 -23.81
CA LEU A 52 -1.07 -20.07 -24.23
C LEU A 52 -1.36 -19.14 -23.04
N VAL A 53 -1.95 -19.66 -21.96
CA VAL A 53 -2.20 -18.78 -20.82
C VAL A 53 -0.88 -18.28 -20.24
N LEU A 54 0.16 -19.12 -20.22
CA LEU A 54 1.46 -18.62 -19.78
C LEU A 54 1.94 -17.49 -20.70
N GLU A 55 1.73 -17.61 -22.01
CA GLU A 55 2.13 -16.57 -22.95
C GLU A 55 1.31 -15.30 -22.72
N CYS A 56 0.11 -15.48 -22.22
CA CYS A 56 -0.86 -14.43 -22.08
C CYS A 56 -0.65 -13.58 -20.81
N ILE A 57 -0.30 -14.26 -19.72
CA ILE A 57 0.08 -13.61 -18.47
C ILE A 57 1.07 -12.54 -18.80
N GLY A 58 2.09 -12.93 -19.55
CA GLY A 58 3.09 -12.00 -20.02
C GLY A 58 4.23 -11.81 -19.05
N ARG A 59 5.32 -11.28 -19.59
CA ARG A 59 6.44 -10.85 -18.78
C ARG A 59 5.91 -9.84 -17.76
N PHE A 60 5.08 -8.91 -18.22
CA PHE A 60 4.68 -7.76 -17.40
C PHE A 60 4.01 -8.12 -16.07
N PHE A 61 3.50 -9.34 -15.96
CA PHE A 61 2.83 -9.72 -14.72
C PHE A 61 3.81 -10.05 -13.59
N LEU A 62 4.52 -11.17 -13.70
CA LEU A 62 5.47 -11.61 -12.66
C LEU A 62 6.62 -10.61 -12.45
N GLN A 63 7.21 -10.14 -13.55
CA GLN A 63 8.44 -9.37 -13.49
C GLN A 63 8.39 -8.16 -12.58
N GLY A 64 7.20 -7.70 -12.27
CA GLY A 64 7.07 -6.47 -11.51
C GLY A 64 7.28 -5.28 -12.42
N SER A 65 6.66 -5.34 -13.59
CA SER A 65 6.57 -4.20 -14.50
C SER A 65 5.20 -3.58 -14.33
N LYS A 66 5.18 -2.42 -13.69
CA LYS A 66 3.93 -1.72 -13.35
C LYS A 66 3.97 -0.33 -13.96
N ALA A 67 2.86 0.11 -14.54
CA ALA A 67 2.82 1.40 -15.19
C ALA A 67 3.27 2.43 -14.17
N PHE A 68 4.08 3.40 -14.61
CA PHE A 68 4.69 4.32 -13.64
C PHE A 68 3.65 5.09 -12.85
N GLY A 69 2.81 5.82 -13.56
CA GLY A 69 1.86 6.72 -12.91
C GLY A 69 0.66 6.02 -12.32
N LYS A 70 0.16 5.04 -13.06
CA LYS A 70 -1.10 4.39 -12.76
C LYS A 70 -1.07 3.61 -11.44
N ALA A 71 -2.24 3.49 -10.80
CA ALA A 71 -2.39 2.65 -9.61
C ALA A 71 -2.85 1.28 -10.06
N THR A 72 -2.98 0.32 -9.14
CA THR A 72 -3.22 -1.07 -9.55
C THR A 72 -4.67 -1.16 -9.99
N HIS A 73 -5.23 0.04 -10.16
CA HIS A 73 -6.56 0.29 -10.68
C HIS A 73 -6.70 -0.43 -11.99
N MET A 74 -5.71 -1.27 -12.27
CA MET A 74 -5.77 -2.02 -13.49
C MET A 74 -5.48 -1.18 -14.70
N VAL A 75 -4.19 -0.99 -14.95
CA VAL A 75 -3.83 -0.94 -16.34
C VAL A 75 -4.56 -2.25 -16.65
N PRO A 76 -5.52 -2.24 -17.61
CA PRO A 76 -6.42 -3.38 -17.75
C PRO A 76 -5.69 -4.69 -18.04
N SER A 77 -4.44 -4.57 -18.45
CA SER A 77 -3.55 -5.71 -18.63
C SER A 77 -3.63 -6.67 -17.44
N ARG A 78 -3.31 -6.18 -16.24
CA ARG A 78 -3.44 -6.97 -15.01
C ARG A 78 -4.83 -7.57 -14.75
N GLN A 79 -5.87 -6.79 -14.94
CA GLN A 79 -7.20 -7.36 -14.79
C GLN A 79 -7.27 -8.57 -15.70
N ALA A 80 -6.89 -8.37 -16.96
CA ALA A 80 -6.94 -9.44 -17.96
C ALA A 80 -6.16 -10.67 -17.52
N SER A 81 -4.88 -10.52 -17.18
CA SER A 81 -4.08 -11.68 -16.72
C SER A 81 -4.73 -12.47 -15.58
N LEU A 82 -5.24 -11.76 -14.57
CA LEU A 82 -5.93 -12.44 -13.47
C LEU A 82 -7.14 -13.23 -14.00
N LEU A 83 -7.88 -12.60 -14.90
CA LEU A 83 -9.04 -13.23 -15.51
C LEU A 83 -8.70 -14.47 -16.39
N ILE A 84 -7.58 -14.41 -17.12
CA ILE A 84 -7.14 -15.52 -17.93
C ILE A 84 -6.79 -16.67 -17.01
N LEU A 85 -5.88 -16.45 -16.05
CA LEU A 85 -5.56 -17.50 -15.05
C LEU A 85 -6.83 -18.12 -14.46
N GLU A 86 -7.79 -17.26 -14.15
CA GLU A 86 -9.01 -17.73 -13.53
C GLU A 86 -9.80 -18.60 -14.49
N PHE A 87 -10.05 -18.11 -15.70
CA PHE A 87 -10.78 -18.85 -16.73
C PHE A 87 -10.13 -20.18 -17.15
N PHE A 88 -8.81 -20.26 -17.03
CA PHE A 88 -8.06 -21.46 -17.40
C PHE A 88 -8.14 -22.51 -16.29
N LEU A 89 -8.16 -22.08 -15.02
CA LEU A 89 -8.50 -23.04 -13.95
C LEU A 89 -9.92 -23.60 -14.16
N LEU A 90 -10.76 -22.76 -14.76
CA LEU A 90 -12.17 -23.04 -14.98
C LEU A 90 -12.41 -23.90 -16.20
N SER A 91 -11.36 -24.12 -16.98
CA SER A 91 -11.52 -24.76 -18.27
C SER A 91 -11.22 -26.23 -18.18
N ASP A 92 -10.86 -26.70 -16.99
CA ASP A 92 -10.67 -28.13 -16.79
C ASP A 92 -9.66 -28.73 -17.78
N CYS A 93 -8.68 -27.93 -18.16
CA CYS A 93 -7.59 -28.40 -19.00
C CYS A 93 -6.48 -28.96 -18.15
N THR A 94 -6.21 -30.24 -18.32
CA THR A 94 -5.12 -30.89 -17.64
C THR A 94 -4.07 -31.27 -18.70
N GLU A 95 -3.05 -32.01 -18.28
CA GLU A 95 -2.05 -32.46 -19.25
C GLU A 95 -1.36 -31.28 -19.92
N MET A 96 -0.41 -30.69 -19.23
CA MET A 96 0.44 -29.65 -19.81
C MET A 96 1.88 -30.12 -20.05
N GLU A 97 2.51 -29.53 -21.06
CA GLU A 97 3.90 -29.82 -21.40
C GLU A 97 4.86 -29.35 -20.32
N PRO A 98 5.68 -30.27 -19.78
CA PRO A 98 6.70 -30.04 -18.75
C PRO A 98 7.68 -28.88 -18.99
N SER A 99 7.91 -28.53 -20.24
CA SER A 99 8.60 -27.28 -20.55
C SER A 99 7.86 -26.10 -19.89
N VAL A 100 6.57 -26.01 -20.20
CA VAL A 100 5.68 -24.95 -19.71
C VAL A 100 5.52 -24.99 -18.21
N LYS A 101 5.37 -26.19 -17.67
CA LYS A 101 5.30 -26.35 -16.23
C LYS A 101 6.55 -25.78 -15.57
N GLU A 102 7.74 -26.20 -15.96
CA GLU A 102 8.90 -25.66 -15.24
C GLU A 102 9.17 -24.18 -15.52
N GLU A 103 8.70 -23.67 -16.66
CA GLU A 103 8.83 -22.23 -16.93
C GLU A 103 7.95 -21.41 -15.99
N ALA A 104 6.68 -21.79 -15.95
CA ALA A 104 5.71 -21.18 -15.04
C ALA A 104 6.13 -21.33 -13.57
N ASP A 105 6.56 -22.54 -13.20
CA ASP A 105 7.14 -22.78 -11.89
C ASP A 105 8.21 -21.72 -11.62
N LEU A 106 9.17 -21.55 -12.54
CA LEU A 106 10.19 -20.52 -12.31
C LEU A 106 9.60 -19.11 -12.13
N ALA A 107 8.54 -18.79 -12.89
CA ALA A 107 7.85 -17.51 -12.73
C ALA A 107 7.30 -17.33 -11.33
N ALA A 108 6.50 -18.29 -10.86
CA ALA A 108 6.02 -18.26 -9.49
C ALA A 108 7.19 -18.08 -8.49
N VAL A 109 8.31 -18.78 -8.73
CA VAL A 109 9.48 -18.62 -7.83
C VAL A 109 9.99 -17.17 -7.79
N THR A 110 10.25 -16.56 -8.95
CA THR A 110 10.80 -15.19 -8.96
C THR A 110 9.77 -14.14 -8.46
N TRP A 111 8.49 -14.43 -8.69
CA TRP A 111 7.39 -13.61 -8.14
C TRP A 111 7.53 -13.57 -6.64
N ARG A 112 7.50 -14.73 -6.00
CA ARG A 112 7.70 -14.78 -4.56
C ARG A 112 8.98 -14.05 -4.16
N LYS A 113 10.12 -14.42 -4.73
CA LYS A 113 11.41 -13.84 -4.36
C LYS A 113 11.30 -12.31 -4.29
N ARG A 114 10.58 -11.77 -5.27
CA ARG A 114 10.31 -10.35 -5.36
C ARG A 114 9.38 -9.87 -4.23
N LEU A 115 8.26 -10.56 -4.02
CA LEU A 115 7.34 -10.20 -2.93
C LEU A 115 8.05 -10.09 -1.60
N ILE A 116 8.98 -11.01 -1.38
CA ILE A 116 9.81 -11.04 -0.18
C ILE A 116 10.76 -9.85 -0.14
N ASN A 117 11.40 -9.53 -1.26
CA ASN A 117 12.30 -8.36 -1.23
C ASN A 117 11.55 -7.04 -1.02
N GLU A 118 10.22 -7.09 -1.15
CA GLU A 118 9.37 -5.91 -1.01
C GLU A 118 8.78 -5.71 0.39
N GLY A 119 9.26 -6.48 1.36
CA GLY A 119 8.75 -6.45 2.71
C GLY A 119 8.04 -7.70 3.20
N GLY A 120 8.04 -8.74 2.36
CA GLY A 120 7.49 -10.04 2.73
C GLY A 120 6.20 -10.34 1.99
N VAL A 121 5.76 -11.61 2.04
CA VAL A 121 4.57 -12.01 1.30
C VAL A 121 3.38 -11.48 2.02
N SER A 122 3.53 -11.40 3.34
CA SER A 122 2.51 -10.95 4.28
C SER A 122 1.88 -9.65 3.81
N ASN A 123 2.71 -8.71 3.37
CA ASN A 123 2.20 -7.52 2.73
C ASN A 123 2.21 -7.77 1.25
N ALA A 124 1.04 -7.76 0.62
CA ALA A 124 0.97 -8.03 -0.82
C ALA A 124 -0.23 -7.30 -1.40
N SER A 125 -0.14 -6.80 -2.62
CA SER A 125 -1.32 -6.22 -3.27
C SER A 125 -2.40 -7.28 -3.18
N ASP A 126 -3.67 -6.91 -3.01
CA ASP A 126 -4.65 -7.96 -3.20
C ASP A 126 -4.45 -8.53 -4.61
N ILE A 127 -4.06 -7.67 -5.55
CA ILE A 127 -3.74 -8.09 -6.89
C ILE A 127 -2.58 -9.07 -6.93
N ASP A 128 -1.43 -8.71 -6.39
CA ASP A 128 -0.31 -9.65 -6.37
C ASP A 128 -0.69 -10.97 -5.74
N ALA A 129 -1.23 -10.97 -4.53
CA ALA A 129 -1.60 -12.23 -3.89
C ALA A 129 -2.54 -13.08 -4.76
N ARG A 130 -3.58 -12.48 -5.31
CA ARG A 130 -4.49 -13.24 -6.15
C ARG A 130 -3.76 -13.78 -7.37
N GLY A 131 -2.95 -12.93 -7.99
CA GLY A 131 -2.21 -13.30 -9.18
C GLY A 131 -1.30 -14.49 -8.96
N LEU A 132 -0.43 -14.42 -7.95
CA LEU A 132 0.48 -15.50 -7.66
C LEU A 132 -0.32 -16.75 -7.26
N LEU A 133 -1.36 -16.59 -6.45
CA LEU A 133 -2.14 -17.77 -6.01
C LEU A 133 -2.75 -18.46 -7.21
N LEU A 134 -3.47 -17.72 -8.05
CA LEU A 134 -3.93 -18.24 -9.32
C LEU A 134 -2.80 -18.89 -10.16
N LEU A 135 -1.65 -18.24 -10.27
CA LEU A 135 -0.51 -18.82 -11.01
C LEU A 135 -0.22 -20.22 -10.50
N VAL A 136 0.30 -20.28 -9.28
CA VAL A 136 0.55 -21.55 -8.63
C VAL A 136 -0.63 -22.55 -8.73
N ALA A 137 -1.86 -22.06 -8.61
CA ALA A 137 -3.02 -22.94 -8.60
C ALA A 137 -3.23 -23.60 -9.95
N SER A 138 -2.88 -22.88 -11.02
CA SER A 138 -2.89 -23.44 -12.39
C SER A 138 -1.69 -24.32 -12.77
N PHE A 139 -0.48 -23.80 -12.58
CA PHE A 139 0.76 -24.50 -12.98
C PHE A 139 1.53 -25.22 -11.88
N GLY A 140 1.02 -25.21 -10.66
CA GLY A 140 1.69 -25.90 -9.56
C GLY A 140 2.52 -25.07 -8.61
N ILE A 141 2.53 -25.49 -7.34
CA ILE A 141 3.28 -24.80 -6.30
C ILE A 141 4.73 -25.22 -6.41
N PRO A 142 5.67 -24.25 -6.42
CA PRO A 142 7.11 -24.58 -6.46
C PRO A 142 7.62 -25.17 -5.15
N ALA A 143 8.87 -25.61 -5.18
CA ALA A 143 9.45 -26.25 -4.01
C ALA A 143 9.56 -25.22 -2.95
N LEU A 144 10.25 -24.14 -3.29
CA LEU A 144 10.61 -23.11 -2.33
C LEU A 144 9.43 -22.56 -1.53
N PHE A 145 8.23 -22.57 -2.10
CA PHE A 145 7.07 -22.05 -1.37
C PHE A 145 6.92 -22.81 -0.07
N ARG A 146 6.96 -22.05 1.03
CA ARG A 146 6.61 -22.52 2.37
C ARG A 146 5.10 -22.50 2.55
N ASN A 147 4.59 -23.28 3.49
CA ASN A 147 3.17 -23.19 3.82
C ASN A 147 2.74 -21.79 4.23
N GLU A 148 3.53 -21.11 5.04
CA GLU A 148 3.22 -19.74 5.44
C GLU A 148 2.89 -18.83 4.26
N ASP A 149 3.79 -18.80 3.28
CA ASP A 149 3.62 -18.10 2.01
C ASP A 149 2.27 -18.44 1.42
N LEU A 150 1.99 -19.72 1.34
CA LEU A 150 0.71 -20.15 0.82
C LEU A 150 -0.48 -19.59 1.61
N ARG A 151 -0.42 -19.69 2.94
CA ARG A 151 -1.49 -19.19 3.79
C ARG A 151 -1.75 -17.74 3.43
N ASN A 152 -0.69 -16.93 3.47
CA ASN A 152 -0.83 -15.49 3.22
C ASN A 152 -1.40 -15.19 1.84
N LEU A 153 -1.03 -15.99 0.85
CA LEU A 153 -1.61 -15.83 -0.48
C LEU A 153 -3.12 -16.11 -0.46
N ILE A 154 -3.50 -17.18 0.24
CA ILE A 154 -4.89 -17.62 0.29
C ILE A 154 -5.71 -16.57 1.02
N ARG A 155 -5.14 -16.02 2.09
CA ARG A 155 -5.81 -15.04 2.96
C ARG A 155 -5.95 -13.68 2.31
N LEU A 156 -4.85 -13.27 1.67
CA LEU A 156 -4.72 -11.95 1.06
C LEU A 156 -5.38 -11.88 -0.28
N SER A 157 -5.86 -13.03 -0.74
CA SER A 157 -6.33 -13.22 -2.10
C SER A 157 -7.79 -12.91 -2.38
N CYS A 158 -8.58 -12.73 -1.31
CA CYS A 158 -10.05 -12.64 -1.35
C CYS A 158 -10.69 -13.87 -1.98
N PRO A 159 -10.26 -15.08 -1.56
CA PRO A 159 -10.61 -16.35 -2.18
C PRO A 159 -12.09 -16.57 -2.40
N LYS A 160 -12.94 -16.23 -1.46
CA LYS A 160 -14.34 -16.61 -1.57
C LYS A 160 -14.98 -16.27 -2.93
N GLU A 161 -14.48 -15.24 -3.61
CA GLU A 161 -15.02 -14.84 -4.92
C GLU A 161 -14.48 -15.75 -6.02
N ILE A 162 -13.24 -16.15 -5.81
CA ILE A 162 -12.45 -16.91 -6.76
C ILE A 162 -12.48 -18.41 -6.45
N SER A 163 -13.32 -18.84 -5.51
CA SER A 163 -13.25 -20.21 -4.98
C SER A 163 -13.71 -21.29 -5.95
N ASP A 164 -14.74 -21.02 -6.75
CA ASP A 164 -15.21 -22.03 -7.71
C ASP A 164 -14.06 -22.44 -8.61
N ALA A 165 -13.40 -21.43 -9.17
CA ALA A 165 -12.25 -21.60 -10.04
C ALA A 165 -11.02 -22.08 -9.27
N LEU A 166 -11.00 -21.79 -7.98
CA LEU A 166 -9.85 -22.10 -7.16
C LEU A 166 -9.92 -23.56 -6.77
N ARG A 167 -11.11 -24.14 -6.85
CA ARG A 167 -11.32 -25.45 -6.27
C ARG A 167 -10.91 -26.55 -7.23
N ARG A 168 -10.69 -26.17 -8.49
CA ARG A 168 -10.32 -27.13 -9.53
C ARG A 168 -8.82 -27.44 -9.54
N SER A 169 -8.07 -26.80 -8.65
CA SER A 169 -6.62 -26.87 -8.70
C SER A 169 -6.02 -28.27 -8.59
N ARG A 170 -6.05 -28.88 -7.41
CA ARG A 170 -5.36 -30.16 -7.22
C ARG A 170 -3.85 -30.00 -7.04
N PHE A 171 -3.30 -28.85 -7.44
CA PHE A 171 -1.99 -28.48 -6.94
C PHE A 171 -2.29 -27.88 -5.59
N LEU A 172 -3.39 -27.11 -5.56
CA LEU A 172 -3.91 -26.50 -4.34
C LEU A 172 -4.54 -27.56 -3.46
N LEU A 173 -5.52 -28.29 -3.99
CA LEU A 173 -6.19 -29.30 -3.19
C LEU A 173 -5.21 -30.31 -2.55
N ALA A 174 -4.03 -30.46 -3.12
CA ALA A 174 -3.04 -31.39 -2.58
C ALA A 174 -2.25 -30.80 -1.41
N ARG A 175 -1.92 -29.52 -1.50
CA ARG A 175 -1.17 -28.80 -0.48
C ARG A 175 -2.01 -28.17 0.66
N VAL A 176 -3.21 -27.66 0.34
CA VAL A 176 -4.06 -26.94 1.32
C VAL A 176 -4.14 -27.64 2.68
N PRO A 177 -4.47 -28.95 2.69
CA PRO A 177 -4.50 -29.71 3.94
C PRO A 177 -3.24 -29.60 4.75
N ASP A 178 -2.09 -29.79 4.13
CA ASP A 178 -0.84 -29.67 4.86
C ASP A 178 -0.72 -28.29 5.53
N VAL A 179 -1.29 -27.28 4.86
CA VAL A 179 -1.25 -25.90 5.34
C VAL A 179 -2.22 -25.69 6.51
N ILE A 180 -3.44 -26.23 6.37
CA ILE A 180 -4.46 -26.16 7.43
C ILE A 180 -4.01 -26.93 8.69
N GLN A 181 -3.51 -28.15 8.54
CA GLN A 181 -2.99 -28.89 9.69
C GLN A 181 -1.93 -28.02 10.34
N GLY A 182 -1.19 -27.28 9.53
CA GLY A 182 -0.23 -26.34 10.04
C GLY A 182 -0.91 -25.27 10.89
N MET A 183 -1.94 -24.64 10.32
CA MET A 183 -2.66 -23.56 11.01
C MET A 183 -3.40 -23.99 12.27
N ILE A 184 -3.91 -25.22 12.30
CA ILE A 184 -4.55 -25.69 13.52
C ILE A 184 -3.51 -25.80 14.63
N LYS A 185 -2.35 -26.36 14.32
CA LYS A 185 -1.30 -26.47 15.33
C LYS A 185 -0.78 -25.09 15.74
N ASN A 186 -1.20 -24.08 15.01
CA ASN A 186 -0.76 -22.71 15.26
C ASN A 186 -1.74 -21.85 16.05
N GLN A 187 -2.86 -22.44 16.46
CA GLN A 187 -3.91 -21.72 17.21
C GLN A 187 -4.61 -20.66 16.33
N MET A 188 -4.71 -20.99 15.05
CA MET A 188 -5.33 -20.20 13.97
C MET A 188 -6.81 -20.49 13.76
N ASN A 189 -7.43 -21.13 14.74
CA ASN A 189 -8.67 -21.88 14.56
C ASN A 189 -9.77 -21.29 13.66
N VAL A 190 -10.43 -20.20 14.03
CA VAL A 190 -11.56 -19.76 13.21
C VAL A 190 -11.17 -19.62 11.75
N GLU A 191 -9.93 -19.20 11.49
CA GLU A 191 -9.45 -18.94 10.12
C GLU A 191 -9.07 -20.21 9.37
N ALA A 192 -8.50 -21.18 10.07
CA ALA A 192 -8.23 -22.49 9.47
C ALA A 192 -9.55 -23.19 9.08
N VAL A 193 -10.56 -23.03 9.93
CA VAL A 193 -11.90 -23.47 9.56
C VAL A 193 -12.36 -22.69 8.35
N ASP A 194 -12.07 -21.40 8.30
CA ASP A 194 -12.49 -20.63 7.15
C ASP A 194 -11.85 -21.13 5.84
N PHE A 195 -10.57 -21.50 5.90
CA PHE A 195 -9.88 -22.06 4.74
C PHE A 195 -10.53 -23.34 4.32
N ALA A 196 -10.55 -24.31 5.24
CA ALA A 196 -11.12 -25.63 4.93
C ALA A 196 -12.54 -25.52 4.36
N TYR A 197 -13.33 -24.56 4.80
CA TYR A 197 -14.62 -24.39 4.17
C TYR A 197 -14.50 -23.84 2.77
N THR A 198 -13.56 -22.91 2.55
CA THR A 198 -13.51 -22.29 1.22
C THR A 198 -12.97 -23.23 0.15
N PHE A 199 -12.11 -24.16 0.54
CA PHE A 199 -11.54 -25.14 -0.39
C PHE A 199 -12.33 -26.45 -0.53
N GLY A 200 -13.51 -26.51 0.09
CA GLY A 200 -14.36 -27.68 -0.05
C GLY A 200 -13.97 -28.81 0.88
N LEU A 201 -12.91 -28.60 1.65
CA LEU A 201 -12.31 -29.63 2.50
C LEU A 201 -12.94 -29.75 3.91
N GLU A 202 -14.10 -29.13 4.13
CA GLU A 202 -14.72 -29.15 5.46
C GLU A 202 -14.73 -30.58 6.03
N GLU A 203 -15.10 -31.53 5.19
CA GLU A 203 -15.28 -32.91 5.62
C GLU A 203 -13.99 -33.57 6.12
N LYS A 204 -12.85 -33.04 5.70
CA LYS A 204 -11.57 -33.72 5.96
C LYS A 204 -10.92 -33.22 7.24
N PHE A 205 -11.60 -32.27 7.89
CA PHE A 205 -11.11 -31.74 9.16
C PHE A 205 -12.14 -31.73 10.30
N PRO A 206 -11.64 -31.90 11.55
CA PRO A 206 -12.45 -31.82 12.77
C PRO A 206 -12.98 -30.40 13.05
N ILE A 207 -13.89 -29.94 12.20
CA ILE A 207 -14.47 -28.62 12.36
C ILE A 207 -14.98 -28.35 13.77
N TRP A 208 -15.61 -29.35 14.37
CA TRP A 208 -16.15 -29.20 15.70
C TRP A 208 -15.07 -29.15 16.77
N LYS A 209 -14.15 -30.11 16.80
CA LYS A 209 -13.11 -30.04 17.81
C LYS A 209 -12.36 -28.69 17.77
N ILE A 210 -12.19 -28.14 16.55
CA ILE A 210 -11.64 -26.79 16.32
C ILE A 210 -12.45 -25.58 16.85
N LEU A 211 -13.61 -25.30 16.24
CA LEU A 211 -14.45 -24.19 16.70
C LEU A 211 -14.72 -24.29 18.22
N THR A 212 -14.67 -25.52 18.71
CA THR A 212 -14.86 -25.78 20.12
C THR A 212 -13.63 -25.45 20.96
N SER A 213 -12.50 -26.09 20.71
CA SER A 213 -11.29 -25.77 21.49
C SER A 213 -11.14 -24.26 21.60
N PHE A 214 -11.45 -23.57 20.49
CA PHE A 214 -11.51 -22.11 20.46
C PHE A 214 -12.56 -21.49 21.43
N LEU A 215 -13.85 -21.67 21.16
CA LEU A 215 -14.88 -21.09 22.04
C LEU A 215 -14.72 -21.45 23.53
N ARG A 216 -14.17 -22.64 23.83
CA ARG A 216 -13.95 -23.00 25.23
C ARG A 216 -12.72 -22.35 25.87
N GLU A 217 -11.59 -22.29 25.18
CA GLU A 217 -10.45 -21.56 25.73
C GLU A 217 -10.81 -20.09 25.91
N HIS A 218 -11.76 -19.63 25.10
CA HIS A 218 -12.28 -18.26 25.21
C HIS A 218 -13.38 -18.06 26.26
N LYS A 219 -14.04 -19.13 26.70
CA LYS A 219 -14.86 -19.01 27.90
C LYS A 219 -13.98 -19.10 29.16
N GLU A 220 -12.99 -19.98 29.13
CA GLU A 220 -12.03 -20.14 30.23
C GLU A 220 -11.25 -18.86 30.51
N GLU A 221 -10.85 -18.13 29.47
CA GLU A 221 -10.20 -16.84 29.72
C GLU A 221 -11.19 -15.86 30.34
N TRP A 222 -12.44 -15.90 29.89
CA TRP A 222 -13.46 -14.91 30.28
C TRP A 222 -14.15 -15.19 31.61
N LYS A 223 -13.96 -16.38 32.16
CA LYS A 223 -14.42 -16.63 33.52
C LYS A 223 -13.42 -16.07 34.53
N ARG A 224 -12.12 -16.22 34.23
CA ARG A 224 -11.03 -15.66 35.03
C ARG A 224 -11.22 -14.14 35.19
N THR A 225 -11.95 -13.55 34.26
CA THR A 225 -12.21 -12.12 34.20
C THR A 225 -13.58 -11.63 34.74
N ARG A 226 -14.31 -12.50 35.42
CA ARG A 226 -15.62 -12.12 35.98
C ARG A 226 -15.57 -11.54 37.42
N GLU A 227 -14.34 -11.27 37.85
CA GLU A 227 -14.03 -10.76 39.18
C GLU A 227 -12.91 -9.77 38.98
N GLU A 228 -12.20 -9.44 40.05
CA GLU A 228 -11.06 -8.52 39.96
C GLU A 228 -11.36 -7.08 39.53
N ASP A 229 -12.06 -6.36 40.40
CA ASP A 229 -11.87 -4.92 40.63
C ASP A 229 -12.41 -3.80 39.69
N SER A 230 -12.80 -4.08 38.44
CA SER A 230 -13.18 -2.98 37.54
C SER A 230 -14.43 -3.23 36.71
N PRO A 231 -15.29 -2.20 36.52
CA PRO A 231 -16.33 -2.28 35.47
C PRO A 231 -15.74 -2.15 34.06
N ILE A 232 -14.59 -1.48 33.97
CA ILE A 232 -13.85 -1.36 32.71
C ILE A 232 -13.12 -2.66 32.33
N ARG A 233 -12.40 -3.29 33.25
CA ARG A 233 -11.76 -4.58 32.95
C ARG A 233 -12.80 -5.66 32.63
N LEU A 234 -14.01 -5.46 33.17
CA LEU A 234 -15.19 -6.28 32.87
C LEU A 234 -15.72 -6.07 31.44
N LYS A 235 -15.97 -4.81 31.05
CA LYS A 235 -16.38 -4.54 29.68
C LYS A 235 -15.30 -5.00 28.68
N LYS A 236 -14.02 -4.90 29.05
CA LYS A 236 -12.93 -5.45 28.24
C LYS A 236 -13.05 -6.97 28.05
N ALA A 237 -12.89 -7.75 29.11
CA ALA A 237 -12.99 -9.20 28.94
C ALA A 237 -14.28 -9.63 28.23
N ASN A 238 -15.34 -8.87 28.49
CA ASN A 238 -16.66 -9.10 27.89
C ASN A 238 -16.75 -8.85 26.39
N GLU A 239 -16.23 -7.74 25.90
CA GLU A 239 -16.16 -7.53 24.46
C GLU A 239 -15.24 -8.56 23.85
N ASN A 240 -14.18 -8.94 24.54
CA ASN A 240 -13.30 -10.00 24.06
C ASN A 240 -14.10 -11.25 23.71
N TYR A 241 -14.67 -11.89 24.73
CA TYR A 241 -15.50 -13.06 24.47
C TYR A 241 -16.52 -12.77 23.34
N LEU A 242 -17.31 -11.69 23.46
CA LEU A 242 -18.38 -11.37 22.49
C LEU A 242 -17.90 -11.32 21.02
N SER A 243 -16.73 -10.71 20.80
CA SER A 243 -16.06 -10.77 19.51
C SER A 243 -15.81 -12.23 19.12
N ALA A 244 -14.99 -12.95 19.90
CA ALA A 244 -14.65 -14.35 19.51
C ALA A 244 -15.89 -15.14 19.03
N MET A 245 -16.95 -15.10 19.83
CA MET A 245 -18.22 -15.68 19.39
C MET A 245 -18.65 -15.09 18.05
N LYS A 246 -18.90 -13.79 17.98
CA LYS A 246 -19.43 -13.24 16.75
C LYS A 246 -18.57 -13.60 15.52
N SER A 247 -17.30 -13.94 15.75
CA SER A 247 -16.41 -14.32 14.65
C SER A 247 -16.70 -15.76 14.21
N VAL A 248 -16.87 -16.69 15.17
CA VAL A 248 -17.34 -18.03 14.78
C VAL A 248 -18.70 -17.95 14.07
N THR A 249 -19.64 -17.20 14.65
CA THR A 249 -20.90 -16.90 13.95
C THR A 249 -20.73 -16.45 12.50
N ARG A 250 -20.04 -15.33 12.27
CA ARG A 250 -19.89 -14.81 10.90
C ARG A 250 -19.17 -15.79 9.99
N CYS A 251 -18.19 -16.51 10.54
CA CYS A 251 -17.45 -17.50 9.75
C CYS A 251 -18.39 -18.55 9.18
N LEU A 252 -19.17 -19.22 10.04
CA LEU A 252 -20.14 -20.21 9.54
C LEU A 252 -21.28 -19.60 8.69
N GLU A 253 -21.84 -18.45 9.04
CA GLU A 253 -22.87 -17.88 8.16
C GLU A 253 -22.30 -17.49 6.80
N ASP A 254 -20.98 -17.32 6.71
CA ASP A 254 -20.32 -17.03 5.43
C ASP A 254 -20.51 -18.21 4.49
N HIS A 255 -20.25 -19.40 5.03
CA HIS A 255 -20.29 -20.69 4.34
C HIS A 255 -21.67 -21.39 4.37
N ARG A 256 -22.67 -20.66 4.85
CA ARG A 256 -24.07 -21.09 4.84
C ARG A 256 -24.33 -22.34 5.69
N VAL A 257 -23.40 -22.62 6.60
CA VAL A 257 -23.64 -23.48 7.75
C VAL A 257 -24.54 -22.74 8.77
N ASP A 258 -25.35 -23.48 9.52
CA ASP A 258 -26.07 -22.83 10.61
C ASP A 258 -25.22 -22.94 11.86
N PRO A 259 -24.89 -21.78 12.44
CA PRO A 259 -24.06 -21.67 13.63
C PRO A 259 -24.50 -22.67 14.69
N SER A 260 -25.82 -22.79 14.83
CA SER A 260 -26.44 -23.63 15.84
C SER A 260 -26.23 -25.08 15.45
N LYS A 261 -26.81 -25.50 14.34
CA LYS A 261 -26.74 -26.90 13.92
C LYS A 261 -25.32 -27.46 14.12
N LEU A 262 -24.32 -26.86 13.47
CA LEU A 262 -22.92 -27.27 13.68
C LEU A 262 -22.46 -27.22 15.15
N LEU A 263 -22.61 -26.06 15.81
CA LEU A 263 -22.19 -25.97 17.20
C LEU A 263 -23.28 -26.11 18.28
N SER A 264 -24.56 -26.21 17.90
CA SER A 264 -25.66 -26.15 18.88
C SER A 264 -25.44 -27.16 20.02
N GLY A 265 -25.88 -26.78 21.21
CA GLY A 265 -25.47 -27.43 22.43
C GLY A 265 -24.58 -26.42 23.12
N TRP A 266 -24.21 -25.42 22.31
CA TRP A 266 -23.58 -24.19 22.78
C TRP A 266 -24.63 -23.12 22.96
N HIS A 267 -25.42 -22.92 21.92
CA HIS A 267 -26.49 -21.94 21.97
C HIS A 267 -25.82 -20.58 22.01
N ILE A 268 -24.77 -20.47 21.21
CA ILE A 268 -24.07 -19.22 21.06
C ILE A 268 -25.03 -18.11 20.66
N ASP A 269 -26.16 -18.49 20.05
CA ASP A 269 -27.20 -17.51 19.74
C ASP A 269 -27.75 -16.86 21.02
N GLU A 270 -27.98 -17.68 22.05
CA GLU A 270 -28.41 -17.16 23.34
C GLU A 270 -27.29 -16.39 24.01
N LYS A 271 -26.13 -17.02 24.11
CA LYS A 271 -24.96 -16.42 24.74
C LYS A 271 -24.67 -15.00 24.25
N ILE A 272 -24.77 -14.78 22.93
CA ILE A 272 -24.61 -13.44 22.34
C ILE A 272 -25.56 -12.41 22.98
N ILE A 273 -26.88 -12.60 22.82
CA ILE A 273 -27.86 -11.70 23.43
C ILE A 273 -27.71 -11.55 24.96
N GLN A 274 -27.24 -12.62 25.63
CA GLN A 274 -26.97 -12.57 27.07
C GLN A 274 -25.85 -11.61 27.46
N LEU A 275 -24.70 -11.71 26.78
CA LEU A 275 -23.59 -10.76 27.02
C LEU A 275 -23.82 -9.33 26.49
N GLU A 276 -24.64 -9.17 25.44
CA GLU A 276 -25.05 -7.84 25.02
C GLU A 276 -25.96 -7.17 26.04
N LYS A 277 -27.02 -7.88 26.45
CA LYS A 277 -27.86 -7.38 27.54
C LYS A 277 -27.01 -7.08 28.78
N GLU A 278 -26.10 -7.98 29.12
CA GLU A 278 -25.21 -7.77 30.27
C GLU A 278 -24.23 -6.57 30.22
N MET A 279 -23.76 -6.20 29.03
CA MET A 279 -23.01 -4.93 28.99
C MET A 279 -23.89 -3.69 28.79
N ALA A 280 -25.18 -3.87 28.47
CA ALA A 280 -26.13 -2.74 28.56
C ALA A 280 -26.41 -2.45 30.06
N ASP A 281 -26.47 -3.52 30.84
CA ASP A 281 -26.45 -3.45 32.31
C ASP A 281 -25.21 -2.70 32.79
N LEU A 282 -24.03 -3.28 32.57
CA LEU A 282 -22.79 -2.59 32.98
C LEU A 282 -22.61 -1.21 32.34
N ASP A 283 -23.41 -0.91 31.31
CA ASP A 283 -23.39 0.42 30.69
C ASP A 283 -24.24 1.44 31.47
N LYS A 284 -25.43 1.04 31.91
CA LYS A 284 -26.24 1.90 32.78
C LYS A 284 -25.57 2.13 34.15
N LYS A 285 -24.96 1.08 34.69
CA LYS A 285 -24.39 1.06 36.05
C LYS A 285 -22.98 1.66 36.15
N MET A 286 -22.45 2.22 35.06
CA MET A 286 -21.18 2.94 35.12
C MET A 286 -21.40 4.44 35.05
N SER B 5 5.66 28.10 -30.44
CA SER B 5 6.04 27.06 -29.48
C SER B 5 7.23 27.47 -28.64
N VAL B 6 8.40 27.61 -29.26
CA VAL B 6 9.57 28.08 -28.52
C VAL B 6 9.37 29.48 -27.98
N SER B 7 8.37 30.18 -28.50
CA SER B 7 8.07 31.53 -27.99
C SER B 7 7.24 31.55 -26.73
N GLU B 8 6.16 30.77 -26.65
CA GLU B 8 5.39 30.74 -25.42
C GLU B 8 6.38 30.48 -24.28
N LEU B 9 7.27 29.53 -24.54
CA LEU B 9 8.24 29.07 -23.57
C LEU B 9 9.46 29.97 -23.38
N GLY B 10 9.83 30.72 -24.41
CA GLY B 10 11.04 31.53 -24.34
C GLY B 10 10.72 32.83 -23.64
N PHE B 11 9.44 33.17 -23.75
CA PHE B 11 8.81 34.23 -22.97
C PHE B 11 8.69 33.78 -21.53
N LEU B 12 7.96 32.67 -21.32
CA LEU B 12 7.74 32.12 -19.99
C LEU B 12 9.03 32.03 -19.18
N CYS B 13 10.06 31.44 -19.76
CA CYS B 13 11.31 31.30 -19.06
C CYS B 13 12.18 32.54 -19.10
N GLY B 14 12.13 33.28 -20.20
CA GLY B 14 12.91 34.50 -20.28
C GLY B 14 12.39 35.45 -19.22
N MET B 15 11.06 35.52 -19.19
CA MET B 15 10.31 36.46 -18.36
C MET B 15 10.03 35.90 -16.96
N MET B 16 10.63 34.74 -16.67
CA MET B 16 10.66 34.20 -15.33
C MET B 16 9.28 33.99 -14.75
N ARG B 17 8.34 33.53 -15.56
CA ARG B 17 6.98 33.45 -15.07
C ARG B 17 6.62 32.03 -14.69
N SER B 18 6.65 31.80 -13.37
CA SER B 18 6.46 30.50 -12.73
C SER B 18 5.10 29.85 -12.99
N ARG B 19 4.04 30.48 -12.47
CA ARG B 19 2.69 29.94 -12.62
C ARG B 19 2.35 29.71 -14.09
N GLY B 20 2.97 30.51 -14.96
CA GLY B 20 2.79 30.41 -16.40
C GLY B 20 3.38 29.16 -17.01
N LEU B 21 4.68 28.97 -16.80
CA LEU B 21 5.38 27.73 -17.17
C LEU B 21 4.60 26.52 -16.68
N ARG B 22 4.18 26.53 -15.41
CA ARG B 22 3.43 25.38 -14.90
C ARG B 22 2.09 25.19 -15.61
N LYS B 23 1.36 26.27 -15.84
CA LYS B 23 0.04 26.11 -16.45
C LYS B 23 0.21 25.66 -17.89
N TYR B 24 1.24 26.16 -18.54
CA TYR B 24 1.60 25.76 -19.89
C TYR B 24 1.80 24.26 -19.96
N ILE B 25 2.75 23.79 -19.15
CA ILE B 25 3.12 22.38 -19.07
C ILE B 25 1.93 21.49 -18.73
N ILE B 26 1.02 21.99 -17.90
CA ILE B 26 -0.18 21.22 -17.57
C ILE B 26 -1.13 21.20 -18.75
N SER B 27 -1.05 22.23 -19.59
CA SER B 27 -1.94 22.40 -20.72
C SER B 27 -1.57 21.41 -21.81
N HIS B 28 -0.26 21.29 -22.05
CA HIS B 28 0.33 20.50 -23.14
C HIS B 28 0.62 19.04 -22.80
N LEU B 29 0.10 18.58 -21.67
CA LEU B 29 0.14 17.16 -21.35
C LEU B 29 -0.35 16.26 -22.48
N SER B 30 -1.20 16.79 -23.38
CA SER B 30 -1.62 16.05 -24.58
C SER B 30 -0.42 15.44 -25.36
N ASP B 31 0.48 16.27 -25.86
CA ASP B 31 1.76 15.77 -26.37
C ASP B 31 2.85 16.06 -25.36
N VAL B 32 3.30 15.04 -24.63
CA VAL B 32 4.35 15.24 -23.65
C VAL B 32 5.71 15.28 -24.33
N ALA B 33 5.82 14.53 -25.42
CA ALA B 33 7.09 14.30 -26.11
C ALA B 33 7.73 15.60 -26.61
N LYS B 34 6.98 16.35 -27.38
CA LYS B 34 7.54 17.57 -27.95
C LYS B 34 7.72 18.58 -26.82
N LEU B 35 6.93 18.41 -25.77
CA LEU B 35 7.13 19.16 -24.54
C LEU B 35 8.55 18.95 -24.02
N ARG B 36 8.96 17.67 -23.99
CA ARG B 36 10.30 17.25 -23.54
C ARG B 36 11.37 17.75 -24.48
N GLU B 37 11.02 17.93 -25.74
CA GLU B 37 12.02 18.48 -26.66
C GLU B 37 12.26 19.99 -26.57
N GLU B 38 11.18 20.76 -26.42
CA GLU B 38 11.26 22.24 -26.37
C GLU B 38 11.62 22.87 -25.01
N VAL B 39 11.11 22.31 -23.91
CA VAL B 39 11.27 22.96 -22.59
C VAL B 39 12.70 23.09 -22.00
N PRO B 40 13.54 22.03 -22.14
CA PRO B 40 14.88 22.11 -21.54
C PRO B 40 15.71 23.11 -22.31
N ALA B 41 15.36 23.24 -23.58
CA ALA B 41 15.87 24.28 -24.46
C ALA B 41 15.56 25.64 -23.85
N ALA B 42 14.26 25.95 -23.78
CA ALA B 42 13.73 27.20 -23.23
C ALA B 42 14.37 27.55 -21.88
N LEU B 43 14.55 26.53 -21.06
CA LEU B 43 15.11 26.72 -19.73
C LEU B 43 16.54 27.31 -19.67
N LYS B 44 17.31 27.22 -20.77
CA LYS B 44 18.68 27.74 -20.74
C LYS B 44 18.64 29.26 -20.78
N GLY B 45 17.50 29.78 -21.25
CA GLY B 45 17.31 31.20 -21.45
C GLY B 45 16.74 31.96 -20.26
N ALA B 46 16.27 31.23 -19.25
CA ALA B 46 15.82 31.87 -18.01
C ALA B 46 17.03 32.47 -17.28
N PRO B 47 16.83 33.64 -16.67
CA PRO B 47 17.89 34.35 -15.92
C PRO B 47 18.50 33.57 -14.73
N LYS B 48 17.67 33.00 -13.88
CA LYS B 48 18.12 32.13 -12.79
C LYS B 48 17.17 30.92 -12.74
N PRO B 49 17.45 29.92 -13.59
CA PRO B 49 16.55 28.81 -13.92
C PRO B 49 16.37 27.86 -12.73
N ALA B 50 17.41 27.71 -11.92
CA ALA B 50 17.26 26.99 -10.66
C ALA B 50 16.04 27.54 -9.97
N LYS B 51 16.13 28.82 -9.62
CA LYS B 51 15.06 29.53 -8.95
C LYS B 51 13.70 29.29 -9.64
N LEU B 52 13.64 29.46 -10.95
CA LEU B 52 12.37 29.28 -11.68
C LEU B 52 11.79 27.86 -11.48
N VAL B 53 12.65 26.86 -11.36
CA VAL B 53 12.18 25.49 -11.25
C VAL B 53 11.67 25.21 -9.82
N LEU B 54 12.43 25.71 -8.84
CA LEU B 54 11.94 25.64 -7.46
C LEU B 54 10.58 26.30 -7.37
N GLU B 55 10.49 27.53 -7.87
CA GLU B 55 9.24 28.27 -7.81
C GLU B 55 8.17 27.45 -8.49
N CYS B 56 8.58 26.71 -9.48
CA CYS B 56 7.65 25.99 -10.33
C CYS B 56 6.97 24.78 -9.68
N ILE B 57 7.73 24.02 -8.87
CA ILE B 57 7.14 22.90 -8.13
C ILE B 57 6.43 23.33 -6.82
N GLY B 58 7.05 24.22 -6.06
CA GLY B 58 6.40 24.74 -4.86
C GLY B 58 5.96 23.69 -3.86
N ARG B 59 5.03 24.07 -2.97
CA ARG B 59 4.70 23.27 -1.80
C ARG B 59 3.88 21.99 -2.07
N PHE B 60 2.90 22.11 -2.96
CA PHE B 60 1.92 21.04 -3.13
C PHE B 60 2.59 19.73 -3.49
N PHE B 61 3.80 19.81 -4.03
CA PHE B 61 4.63 18.61 -4.23
C PHE B 61 5.01 17.91 -2.93
N LEU B 62 5.89 18.54 -2.16
CA LEU B 62 6.41 17.92 -0.95
C LEU B 62 5.37 17.59 0.14
N GLN B 63 4.28 18.36 0.23
CA GLN B 63 3.26 17.97 1.22
C GLN B 63 2.09 17.14 0.68
N GLY B 64 1.97 17.07 -0.64
CA GLY B 64 0.75 16.62 -1.30
C GLY B 64 0.43 15.14 -1.40
N SER B 65 -0.50 14.83 -2.31
CA SER B 65 -0.97 13.46 -2.58
C SER B 65 -1.77 12.82 -1.45
N LYS B 66 -2.34 13.64 -0.57
CA LYS B 66 -3.13 13.15 0.56
C LYS B 66 -4.64 13.09 0.27
N ALA B 67 -5.02 13.34 -0.99
CA ALA B 67 -6.42 13.28 -1.43
C ALA B 67 -7.10 11.95 -1.02
N PHE B 68 -8.29 12.05 -0.42
CA PHE B 68 -8.92 10.97 0.34
C PHE B 68 -9.27 9.61 -0.30
N GLY B 69 -10.22 9.58 -1.25
CA GLY B 69 -10.42 8.33 -1.98
C GLY B 69 -9.15 8.08 -2.79
N LYS B 70 -8.47 7.01 -2.41
CA LYS B 70 -7.02 6.84 -2.61
C LYS B 70 -6.65 6.42 -4.04
N ALA B 71 -5.64 5.55 -4.18
CA ALA B 71 -5.03 5.28 -5.47
C ALA B 71 -4.07 6.37 -5.85
N THR B 72 -2.88 6.23 -5.27
CA THR B 72 -1.78 7.16 -5.36
C THR B 72 -1.41 7.50 -6.80
N HIS B 73 -2.27 7.14 -7.75
CA HIS B 73 -2.02 7.42 -9.17
C HIS B 73 -1.87 8.93 -9.42
N MET B 74 -1.64 9.31 -10.67
CA MET B 74 -1.05 10.62 -10.94
C MET B 74 -1.94 11.71 -11.53
N VAL B 75 -2.15 12.77 -10.76
CA VAL B 75 -2.85 13.97 -11.23
C VAL B 75 -1.87 14.91 -11.95
N PRO B 76 -2.38 15.79 -12.81
CA PRO B 76 -1.37 16.56 -13.55
C PRO B 76 -0.90 17.83 -12.86
N SER B 77 -0.67 17.77 -11.57
CA SER B 77 -0.24 18.93 -10.80
C SER B 77 1.14 18.50 -10.45
N ARG B 78 1.18 17.30 -9.86
CA ARG B 78 2.39 16.50 -9.68
C ARG B 78 3.05 16.13 -11.00
N GLN B 79 2.29 15.61 -11.96
CA GLN B 79 2.92 15.28 -13.24
C GLN B 79 3.83 16.43 -13.72
N ALA B 80 3.24 17.61 -13.91
CA ALA B 80 4.02 18.76 -14.35
C ALA B 80 5.26 19.03 -13.50
N SER B 81 5.20 18.73 -12.20
CA SER B 81 6.35 18.96 -11.32
C SER B 81 7.50 18.00 -11.69
N LEU B 82 7.13 16.73 -11.85
CA LEU B 82 8.09 15.75 -12.32
C LEU B 82 8.71 16.24 -13.63
N LEU B 83 7.86 16.47 -14.64
CA LEU B 83 8.28 16.99 -15.95
C LEU B 83 9.26 18.17 -15.86
N ILE B 84 8.93 19.18 -15.06
CA ILE B 84 9.81 20.34 -14.97
C ILE B 84 11.17 19.92 -14.42
N LEU B 85 11.18 19.04 -13.43
CA LEU B 85 12.48 18.65 -12.90
C LEU B 85 13.33 17.91 -13.95
N GLU B 86 12.71 17.00 -14.70
CA GLU B 86 13.45 16.29 -15.75
C GLU B 86 14.01 17.27 -16.75
N PHE B 87 13.14 18.11 -17.32
CA PHE B 87 13.58 19.12 -18.27
C PHE B 87 14.71 20.00 -17.72
N PHE B 88 14.63 20.33 -16.44
CA PHE B 88 15.66 21.15 -15.82
C PHE B 88 16.99 20.40 -15.73
N LEU B 89 16.93 19.08 -15.57
CA LEU B 89 18.17 18.31 -15.57
C LEU B 89 18.74 18.30 -17.00
N LEU B 90 17.86 18.04 -17.98
CA LEU B 90 18.20 18.05 -19.42
C LEU B 90 18.78 19.38 -19.92
N SER B 91 18.35 20.50 -19.34
CA SER B 91 18.85 21.79 -19.79
C SER B 91 20.34 21.99 -19.52
N ASP B 92 20.95 21.11 -18.72
CA ASP B 92 22.39 21.23 -18.42
C ASP B 92 22.71 22.62 -17.83
N CYS B 93 21.68 23.26 -17.29
CA CYS B 93 21.82 24.54 -16.62
C CYS B 93 22.28 24.29 -15.22
N THR B 94 23.19 25.13 -14.74
CA THR B 94 23.87 24.84 -13.48
C THR B 94 24.23 26.10 -12.69
N GLU B 95 25.04 25.92 -11.66
CA GLU B 95 25.49 27.05 -10.87
C GLU B 95 24.33 27.99 -10.52
N MET B 96 23.38 27.48 -9.74
CA MET B 96 22.29 28.25 -9.13
C MET B 96 22.80 29.05 -7.92
N GLU B 97 22.04 30.04 -7.47
CA GLU B 97 22.40 30.75 -6.23
C GLU B 97 22.37 29.84 -4.99
N PRO B 98 23.18 30.15 -3.96
CA PRO B 98 23.22 29.32 -2.75
C PRO B 98 21.91 29.42 -1.99
N SER B 99 21.21 30.54 -2.19
CA SER B 99 19.84 30.71 -1.71
C SER B 99 18.92 29.55 -2.15
N VAL B 100 18.71 29.39 -3.46
CA VAL B 100 17.82 28.33 -3.95
C VAL B 100 18.34 26.95 -3.56
N LYS B 101 19.66 26.76 -3.63
CA LYS B 101 20.24 25.49 -3.22
C LYS B 101 19.77 25.12 -1.82
N GLU B 102 19.98 26.00 -0.84
CA GLU B 102 19.59 25.63 0.53
C GLU B 102 18.08 25.49 0.71
N GLU B 103 17.29 26.32 0.04
CA GLU B 103 15.84 26.11 0.14
C GLU B 103 15.44 24.71 -0.34
N ALA B 104 15.87 24.33 -1.53
CA ALA B 104 15.54 23.02 -2.08
C ALA B 104 16.12 21.91 -1.22
N ASP B 105 17.26 22.20 -0.60
CA ASP B 105 17.90 21.26 0.31
C ASP B 105 16.99 20.96 1.50
N LEU B 106 16.47 22.01 2.10
CA LEU B 106 15.53 21.83 3.20
C LEU B 106 14.28 21.11 2.73
N ALA B 107 13.76 21.51 1.57
CA ALA B 107 12.58 20.85 1.00
C ALA B 107 12.76 19.34 0.98
N ALA B 108 13.92 18.90 0.47
CA ALA B 108 14.26 17.48 0.46
C ALA B 108 14.32 16.88 1.86
N VAL B 109 15.06 17.51 2.79
CA VAL B 109 15.14 16.99 4.17
C VAL B 109 13.76 16.73 4.77
N THR B 110 12.86 17.68 4.50
CA THR B 110 11.49 17.64 5.00
C THR B 110 10.67 16.53 4.35
N TRP B 111 10.78 16.43 3.03
CA TRP B 111 10.06 15.44 2.26
C TRP B 111 10.47 14.06 2.77
N ARG B 112 11.78 13.87 2.94
CA ARG B 112 12.27 12.59 3.43
C ARG B 112 11.66 12.32 4.78
N LYS B 113 11.78 13.28 5.69
CA LYS B 113 11.23 13.10 7.04
C LYS B 113 9.80 12.59 6.96
N ARG B 114 8.98 13.25 6.14
CA ARG B 114 7.62 12.78 5.91
C ARG B 114 7.61 11.30 5.54
N LEU B 115 8.33 10.95 4.48
CA LEU B 115 8.37 9.56 4.01
C LEU B 115 8.70 8.58 5.15
N ILE B 116 9.68 8.93 5.99
CA ILE B 116 10.04 8.09 7.13
C ILE B 116 8.83 7.94 8.06
N ASN B 117 8.23 9.08 8.43
CA ASN B 117 7.05 9.09 9.31
C ASN B 117 5.90 8.23 8.80
N GLU B 118 5.87 7.99 7.48
CA GLU B 118 4.82 7.22 6.81
C GLU B 118 5.12 5.74 6.63
N GLY B 119 6.17 5.26 7.30
CA GLY B 119 6.57 3.86 7.24
C GLY B 119 7.90 3.56 6.60
N GLY B 120 8.62 4.59 6.22
CA GLY B 120 9.96 4.45 5.66
C GLY B 120 10.03 4.83 4.19
N VAL B 121 11.24 5.12 3.72
CA VAL B 121 11.42 5.42 2.32
C VAL B 121 11.20 4.14 1.49
N SER B 122 11.59 3.01 2.07
CA SER B 122 11.46 1.69 1.45
C SER B 122 10.08 1.52 0.86
N ASN B 123 9.07 2.06 1.54
CA ASN B 123 7.70 2.09 1.02
C ASN B 123 7.23 3.51 0.77
N ALA B 124 7.17 3.88 -0.49
CA ALA B 124 6.88 5.22 -0.92
C ALA B 124 6.31 5.09 -2.34
N SER B 125 5.41 5.99 -2.72
CA SER B 125 4.86 5.92 -4.06
C SER B 125 5.95 6.03 -5.10
N ASP B 126 5.74 5.39 -6.23
CA ASP B 126 6.57 5.67 -7.38
C ASP B 126 6.64 7.19 -7.59
N ILE B 127 5.51 7.87 -7.38
CA ILE B 127 5.50 9.31 -7.55
C ILE B 127 6.32 10.04 -6.48
N ASP B 128 6.23 9.59 -5.24
CA ASP B 128 7.02 10.24 -4.21
C ASP B 128 8.49 9.93 -4.47
N ALA B 129 8.81 8.66 -4.69
CA ALA B 129 10.19 8.26 -4.89
C ALA B 129 10.78 9.05 -6.04
N ARG B 130 10.09 9.08 -7.17
CA ARG B 130 10.65 9.77 -8.32
C ARG B 130 10.72 11.29 -8.14
N GLY B 131 9.74 11.82 -7.42
CA GLY B 131 9.76 13.23 -7.15
C GLY B 131 11.01 13.57 -6.34
N LEU B 132 11.22 12.88 -5.22
CA LEU B 132 12.31 13.24 -4.33
C LEU B 132 13.63 12.99 -5.04
N LEU B 133 13.69 11.91 -5.82
CA LEU B 133 14.88 11.62 -6.61
C LEU B 133 15.18 12.83 -7.50
N LEU B 134 14.20 13.25 -8.31
CA LEU B 134 14.36 14.40 -9.22
C LEU B 134 14.75 15.70 -8.50
N LEU B 135 14.10 15.99 -7.36
CA LEU B 135 14.50 17.09 -6.49
C LEU B 135 16.00 17.02 -6.18
N VAL B 136 16.45 16.04 -5.38
CA VAL B 136 17.87 15.95 -5.02
C VAL B 136 18.78 15.94 -6.27
N ALA B 137 18.34 15.24 -7.30
CA ALA B 137 19.02 15.13 -8.59
C ALA B 137 19.41 16.47 -9.16
N SER B 138 18.44 17.39 -9.10
CA SER B 138 18.56 18.75 -9.63
C SER B 138 19.30 19.72 -8.71
N PHE B 139 18.80 19.91 -7.49
CA PHE B 139 19.33 20.89 -6.55
C PHE B 139 20.34 20.37 -5.52
N GLY B 140 20.69 19.10 -5.57
CA GLY B 140 21.65 18.58 -4.61
C GLY B 140 21.08 17.68 -3.55
N ILE B 141 21.96 16.89 -2.93
CA ILE B 141 21.56 15.90 -1.94
C ILE B 141 21.83 16.32 -0.47
N PRO B 142 20.78 16.41 0.37
CA PRO B 142 21.04 16.87 1.75
C PRO B 142 21.93 15.94 2.54
N ALA B 143 22.69 16.50 3.49
CA ALA B 143 23.61 15.71 4.32
C ALA B 143 22.93 14.50 4.93
N LEU B 144 21.79 14.74 5.54
CA LEU B 144 21.03 13.71 6.24
C LEU B 144 20.68 12.52 5.39
N PHE B 145 20.75 12.63 4.07
CA PHE B 145 20.33 11.50 3.22
C PHE B 145 21.32 10.36 3.33
N ARG B 146 20.83 9.20 3.74
CA ARG B 146 21.65 8.02 3.91
C ARG B 146 21.78 7.33 2.57
N ASN B 147 22.90 6.66 2.32
CA ASN B 147 23.01 5.92 1.07
C ASN B 147 21.80 5.02 0.81
N GLU B 148 21.34 4.29 1.82
CA GLU B 148 20.24 3.35 1.57
C GLU B 148 18.98 4.08 1.12
N ASP B 149 18.83 5.32 1.57
CA ASP B 149 17.77 6.19 1.06
C ASP B 149 17.87 6.34 -0.46
N LEU B 150 18.98 6.89 -0.93
CA LEU B 150 19.20 7.05 -2.36
C LEU B 150 18.93 5.73 -3.07
N ARG B 151 19.38 4.63 -2.48
CA ARG B 151 19.16 3.35 -3.11
C ARG B 151 17.67 3.05 -3.31
N ASN B 152 16.85 3.23 -2.28
CA ASN B 152 15.42 2.96 -2.45
C ASN B 152 14.74 3.94 -3.40
N LEU B 153 15.20 5.19 -3.40
CA LEU B 153 14.56 6.17 -4.24
C LEU B 153 14.74 5.71 -5.65
N ILE B 154 16.00 5.51 -6.03
CA ILE B 154 16.34 5.06 -7.38
C ILE B 154 15.56 3.80 -7.71
N ARG B 155 15.53 2.88 -6.76
CA ARG B 155 14.84 1.61 -6.94
C ARG B 155 13.37 1.79 -7.31
N LEU B 156 12.70 2.71 -6.62
CA LEU B 156 11.24 2.85 -6.66
C LEU B 156 10.77 3.82 -7.68
N SER B 157 11.70 4.55 -8.28
CA SER B 157 11.34 5.61 -9.20
C SER B 157 11.17 5.22 -10.66
N CYS B 158 11.37 3.95 -11.00
CA CYS B 158 11.41 3.49 -12.41
C CYS B 158 12.38 4.23 -13.29
N PRO B 159 13.63 4.39 -12.82
CA PRO B 159 14.56 5.39 -13.37
C PRO B 159 14.84 5.12 -14.82
N LYS B 160 14.52 3.92 -15.31
CA LYS B 160 14.84 3.63 -16.70
C LYS B 160 14.29 4.73 -17.60
N GLU B 161 12.98 5.01 -17.53
CA GLU B 161 12.36 6.01 -18.41
C GLU B 161 12.82 7.47 -18.18
N ILE B 162 13.48 7.69 -17.03
CA ILE B 162 14.05 8.99 -16.66
C ILE B 162 15.57 9.06 -16.95
N SER B 163 16.14 7.95 -17.42
CA SER B 163 17.59 7.75 -17.35
C SER B 163 18.49 8.90 -17.84
N ASP B 164 18.33 9.34 -19.08
CA ASP B 164 19.24 10.36 -19.63
C ASP B 164 19.13 11.63 -18.83
N ALA B 165 17.89 11.93 -18.43
CA ALA B 165 17.65 13.01 -17.51
C ALA B 165 18.41 12.79 -16.17
N LEU B 166 18.17 11.68 -15.49
CA LEU B 166 18.93 11.40 -14.28
C LEU B 166 20.43 11.56 -14.56
N ARG B 167 20.83 11.20 -15.78
CA ARG B 167 22.26 11.05 -16.08
C ARG B 167 23.01 12.37 -16.04
N ARG B 168 22.27 13.48 -16.05
CA ARG B 168 22.89 14.81 -16.17
C ARG B 168 23.20 15.50 -14.83
N SER B 169 23.00 14.80 -13.71
CA SER B 169 22.94 15.49 -12.41
C SER B 169 24.28 16.07 -11.98
N ARG B 170 25.23 15.21 -11.66
CA ARG B 170 26.50 15.60 -11.07
C ARG B 170 26.36 15.65 -9.58
N PHE B 171 25.13 15.73 -9.11
CA PHE B 171 24.84 15.54 -7.69
C PHE B 171 24.68 14.06 -7.40
N LEU B 172 23.95 13.40 -8.29
CA LEU B 172 23.75 11.98 -8.27
C LEU B 172 24.99 11.29 -8.85
N LEU B 173 25.78 12.02 -9.62
CA LEU B 173 26.98 11.44 -10.19
C LEU B 173 28.17 11.42 -9.24
N ALA B 174 28.22 12.32 -8.27
CA ALA B 174 29.29 12.25 -7.30
C ALA B 174 28.98 11.19 -6.26
N ARG B 175 27.69 11.12 -5.94
CA ARG B 175 27.18 10.24 -4.88
C ARG B 175 26.84 8.81 -5.29
N VAL B 176 26.31 8.62 -6.48
CA VAL B 176 25.83 7.29 -6.90
C VAL B 176 26.90 6.17 -6.93
N PRO B 177 28.13 6.50 -7.37
CA PRO B 177 29.26 5.59 -7.23
C PRO B 177 29.43 5.03 -5.81
N ASP B 178 29.40 5.85 -4.78
CA ASP B 178 29.55 5.33 -3.41
C ASP B 178 28.44 4.35 -3.12
N VAL B 179 27.32 4.55 -3.79
CA VAL B 179 26.13 3.79 -3.51
C VAL B 179 26.20 2.40 -4.15
N ILE B 180 26.70 2.34 -5.38
CA ILE B 180 26.87 1.06 -6.06
C ILE B 180 28.00 0.30 -5.36
N GLN B 181 29.04 1.03 -4.95
CA GLN B 181 30.14 0.43 -4.23
C GLN B 181 29.62 -0.28 -2.99
N GLY B 182 28.84 0.42 -2.19
CA GLY B 182 28.34 -0.17 -0.96
C GLY B 182 27.41 -1.34 -1.19
N MET B 183 26.80 -1.33 -2.38
CA MET B 183 25.80 -2.30 -2.76
C MET B 183 26.48 -3.57 -3.20
N ILE B 184 27.75 -3.49 -3.59
CA ILE B 184 28.44 -4.69 -3.99
C ILE B 184 28.86 -5.43 -2.75
N LYS B 185 29.48 -4.67 -1.83
CA LYS B 185 29.90 -5.23 -0.56
C LYS B 185 28.74 -5.87 0.18
N ASN B 186 27.70 -5.12 0.51
CA ASN B 186 26.51 -5.80 1.05
C ASN B 186 25.87 -6.53 -0.15
N GLN B 187 25.53 -7.84 -0.22
CA GLN B 187 25.54 -8.34 -1.60
C GLN B 187 24.28 -8.19 -2.32
N MET B 188 24.30 -7.09 -3.08
CA MET B 188 23.27 -6.62 -4.02
C MET B 188 23.61 -6.83 -5.53
N ASN B 189 24.62 -7.63 -5.87
CA ASN B 189 25.32 -7.40 -7.12
C ASN B 189 24.46 -7.09 -8.35
N VAL B 190 23.46 -7.91 -8.63
CA VAL B 190 22.68 -7.74 -9.86
C VAL B 190 22.10 -6.33 -10.02
N GLU B 191 21.59 -5.81 -8.90
CA GLU B 191 21.00 -4.49 -8.79
C GLU B 191 22.10 -3.43 -8.81
N ALA B 192 23.23 -3.70 -8.18
CA ALA B 192 24.32 -2.77 -8.30
C ALA B 192 24.68 -2.58 -9.77
N VAL B 193 24.54 -3.63 -10.58
CA VAL B 193 24.88 -3.49 -12.00
C VAL B 193 23.76 -2.77 -12.72
N ASP B 194 22.51 -3.09 -12.37
CA ASP B 194 21.38 -2.37 -12.92
C ASP B 194 21.54 -0.85 -12.75
N PHE B 195 21.91 -0.42 -11.54
CA PHE B 195 22.20 0.99 -11.27
C PHE B 195 23.34 1.46 -12.13
N ALA B 196 24.44 0.73 -12.08
CA ALA B 196 25.61 1.10 -12.84
C ALA B 196 25.22 1.43 -14.29
N TYR B 197 24.63 0.48 -14.99
CA TYR B 197 24.16 0.67 -16.35
C TYR B 197 23.16 1.81 -16.53
N THR B 198 22.25 1.94 -15.56
CA THR B 198 21.19 2.95 -15.60
C THR B 198 21.75 4.36 -15.65
N PHE B 199 22.79 4.65 -14.88
CA PHE B 199 23.44 5.97 -14.90
C PHE B 199 24.59 6.09 -15.92
N GLY B 200 24.81 5.05 -16.72
CA GLY B 200 25.92 5.03 -17.67
C GLY B 200 27.29 4.99 -17.03
N LEU B 201 27.38 4.26 -15.93
CA LEU B 201 28.62 4.09 -15.19
C LEU B 201 29.36 2.79 -15.50
N GLU B 202 28.89 2.02 -16.49
CA GLU B 202 29.49 0.72 -16.81
C GLU B 202 31.02 0.79 -16.99
N GLU B 203 31.51 1.95 -17.40
CA GLU B 203 32.94 2.17 -17.53
C GLU B 203 33.62 2.04 -16.19
N LYS B 204 33.21 2.85 -15.22
CA LYS B 204 33.85 2.87 -13.91
C LYS B 204 33.65 1.58 -13.08
N PHE B 205 32.75 0.71 -13.53
CA PHE B 205 32.54 -0.59 -12.87
C PHE B 205 32.95 -1.86 -13.65
N PRO B 206 33.67 -2.77 -12.98
CA PRO B 206 33.93 -4.11 -13.54
C PRO B 206 32.62 -4.91 -13.61
N ILE B 207 31.75 -4.59 -14.56
CA ILE B 207 30.44 -5.24 -14.62
C ILE B 207 30.57 -6.74 -14.77
N TRP B 208 31.54 -7.19 -15.57
CA TRP B 208 31.68 -8.62 -15.81
C TRP B 208 32.11 -9.33 -14.52
N LYS B 209 33.10 -8.77 -13.85
CA LYS B 209 33.51 -9.32 -12.57
C LYS B 209 32.32 -9.49 -11.64
N ILE B 210 31.43 -8.48 -11.59
CA ILE B 210 30.36 -8.43 -10.59
C ILE B 210 29.25 -9.44 -10.91
N LEU B 211 28.75 -9.39 -12.13
CA LEU B 211 27.75 -10.38 -12.52
C LEU B 211 28.33 -11.79 -12.31
N THR B 212 29.57 -11.97 -12.78
CA THR B 212 30.19 -13.29 -12.76
C THR B 212 30.29 -13.79 -11.34
N SER B 213 30.98 -13.02 -10.52
CA SER B 213 31.12 -13.34 -9.12
C SER B 213 29.77 -13.71 -8.50
N PHE B 214 28.72 -12.93 -8.83
CA PHE B 214 27.38 -13.27 -8.35
C PHE B 214 26.99 -14.70 -8.76
N LEU B 215 27.10 -15.00 -10.05
CA LEU B 215 26.75 -16.34 -10.54
C LEU B 215 27.60 -17.43 -9.89
N ARG B 216 28.88 -17.14 -9.63
CA ARG B 216 29.77 -18.07 -8.95
C ARG B 216 29.16 -18.45 -7.64
N GLU B 217 29.02 -17.46 -6.76
CA GLU B 217 28.43 -17.72 -5.45
C GLU B 217 27.16 -18.56 -5.59
N HIS B 218 26.28 -18.23 -6.52
CA HIS B 218 25.08 -19.09 -6.62
C HIS B 218 25.30 -20.52 -7.10
N LYS B 219 26.36 -20.71 -7.89
CA LYS B 219 26.69 -22.03 -8.43
C LYS B 219 27.19 -22.91 -7.30
N GLU B 220 28.12 -22.38 -6.52
CA GLU B 220 28.57 -23.08 -5.33
C GLU B 220 27.45 -23.39 -4.36
N GLU B 221 26.72 -22.38 -3.90
CA GLU B 221 25.62 -22.67 -2.97
C GLU B 221 24.62 -23.62 -3.62
N TRP B 222 24.69 -23.71 -4.95
CA TRP B 222 23.90 -24.69 -5.67
C TRP B 222 24.47 -26.09 -5.45
N LYS B 223 25.80 -26.18 -5.31
CA LYS B 223 26.47 -27.46 -5.04
C LYS B 223 26.43 -27.93 -3.57
N ARG B 224 26.38 -26.99 -2.60
CA ARG B 224 26.35 -27.39 -1.18
C ARG B 224 25.29 -28.45 -1.10
N THR B 225 24.11 -28.07 -1.56
CA THR B 225 23.00 -28.99 -1.62
C THR B 225 22.89 -29.46 -3.08
N ARG B 226 23.38 -30.66 -3.38
CA ARG B 226 23.38 -31.07 -4.78
C ARG B 226 22.86 -32.49 -5.09
N GLU B 227 23.64 -33.51 -4.76
CA GLU B 227 23.42 -34.86 -5.33
C GLU B 227 22.64 -35.88 -4.50
N GLU B 228 22.21 -35.53 -3.30
CA GLU B 228 21.77 -36.55 -2.36
C GLU B 228 20.25 -36.74 -2.18
N ASP B 229 19.73 -37.82 -2.75
CA ASP B 229 18.54 -38.54 -2.27
C ASP B 229 17.42 -37.65 -1.75
N SER B 230 17.23 -36.48 -2.35
CA SER B 230 16.29 -35.51 -1.79
C SER B 230 15.60 -34.74 -2.90
N PRO B 231 14.58 -35.34 -3.53
CA PRO B 231 13.98 -34.63 -4.67
C PRO B 231 13.62 -33.21 -4.29
N ILE B 232 13.11 -33.03 -3.07
CA ILE B 232 12.73 -31.72 -2.56
C ILE B 232 13.93 -30.76 -2.38
N ARG B 233 14.98 -31.17 -1.65
CA ARG B 233 16.19 -30.35 -1.49
C ARG B 233 16.82 -30.03 -2.86
N LEU B 234 16.80 -31.02 -3.75
CA LEU B 234 17.29 -30.87 -5.12
C LEU B 234 16.55 -29.76 -5.88
N LYS B 235 15.25 -29.96 -6.10
CA LYS B 235 14.39 -28.97 -6.75
C LYS B 235 14.57 -27.59 -6.11
N LYS B 236 14.59 -27.52 -4.78
CA LYS B 236 14.78 -26.23 -4.12
C LYS B 236 16.08 -25.53 -4.53
N ALA B 237 17.23 -26.19 -4.37
CA ALA B 237 18.49 -25.53 -4.73
C ALA B 237 18.57 -25.20 -6.22
N ASN B 238 17.85 -26.01 -6.99
CA ASN B 238 17.68 -25.79 -8.41
C ASN B 238 16.92 -24.52 -8.76
N GLU B 239 15.81 -24.27 -8.06
CA GLU B 239 15.05 -23.03 -8.24
C GLU B 239 15.83 -21.81 -7.78
N ASN B 240 16.42 -21.85 -6.60
CA ASN B 240 17.31 -20.75 -6.24
C ASN B 240 18.29 -20.43 -7.38
N TYR B 241 19.02 -21.44 -7.83
CA TYR B 241 20.00 -21.21 -8.91
C TYR B 241 19.36 -20.64 -10.18
N LEU B 242 18.35 -21.34 -10.70
CA LEU B 242 17.63 -20.88 -11.88
C LEU B 242 17.32 -19.40 -11.73
N SER B 243 16.50 -19.07 -10.74
CA SER B 243 16.15 -17.68 -10.47
C SER B 243 17.34 -16.68 -10.41
N ALA B 244 18.43 -16.97 -9.71
CA ALA B 244 19.56 -16.01 -9.75
C ALA B 244 20.01 -15.79 -11.18
N MET B 245 19.97 -16.86 -11.97
CA MET B 245 20.38 -16.75 -13.35
C MET B 245 19.42 -15.90 -14.16
N LYS B 246 18.11 -16.14 -14.03
CA LYS B 246 17.16 -15.33 -14.78
C LYS B 246 17.23 -13.87 -14.32
N SER B 247 17.57 -13.66 -13.06
CA SER B 247 17.81 -12.33 -12.53
C SER B 247 18.87 -11.65 -13.36
N VAL B 248 19.99 -12.34 -13.56
CA VAL B 248 21.01 -11.79 -14.46
C VAL B 248 20.53 -11.60 -15.91
N THR B 249 19.85 -12.58 -16.51
CA THR B 249 19.43 -12.41 -17.92
C THR B 249 18.44 -11.25 -18.12
N ARG B 250 17.49 -11.07 -17.20
CA ARG B 250 16.56 -9.95 -17.33
C ARG B 250 17.34 -8.66 -17.10
N CYS B 251 18.16 -8.59 -16.06
CA CYS B 251 18.90 -7.34 -15.86
C CYS B 251 19.75 -6.92 -17.06
N LEU B 252 20.47 -7.85 -17.67
CA LEU B 252 21.24 -7.48 -18.85
C LEU B 252 20.31 -7.10 -20.01
N GLU B 253 19.33 -7.95 -20.31
CA GLU B 253 18.43 -7.62 -21.39
C GLU B 253 17.78 -6.23 -21.26
N ASP B 254 17.43 -5.82 -20.04
CA ASP B 254 16.77 -4.51 -19.84
C ASP B 254 17.60 -3.36 -20.36
N HIS B 255 18.90 -3.52 -20.31
CA HIS B 255 19.84 -2.55 -20.84
C HIS B 255 20.35 -2.86 -22.25
N ARG B 256 19.74 -3.86 -22.87
CA ARG B 256 20.04 -4.16 -24.26
C ARG B 256 21.51 -4.53 -24.39
N VAL B 257 21.95 -5.27 -23.38
CA VAL B 257 23.22 -5.97 -23.36
C VAL B 257 22.86 -7.41 -23.65
N ASP B 258 23.56 -8.06 -24.58
CA ASP B 258 23.28 -9.47 -24.84
C ASP B 258 23.96 -10.27 -23.76
N PRO B 259 23.20 -11.04 -22.96
CA PRO B 259 23.94 -11.83 -21.98
C PRO B 259 24.78 -12.94 -22.66
N SER B 260 24.30 -13.49 -23.78
CA SER B 260 25.08 -14.50 -24.51
C SER B 260 26.35 -13.98 -25.25
N LYS B 261 26.61 -12.67 -25.21
CA LYS B 261 27.93 -12.15 -25.59
C LYS B 261 28.70 -11.84 -24.31
N LEU B 262 28.31 -10.78 -23.63
CA LEU B 262 28.99 -10.29 -22.43
C LEU B 262 29.24 -11.35 -21.33
N LEU B 263 28.22 -12.15 -21.07
CA LEU B 263 28.34 -13.28 -20.16
C LEU B 263 28.57 -14.61 -20.85
N SER B 264 28.84 -14.63 -22.15
CA SER B 264 29.24 -15.89 -22.77
C SER B 264 30.63 -16.29 -22.39
N GLY B 265 30.77 -17.60 -22.31
CA GLY B 265 31.44 -18.26 -21.21
C GLY B 265 30.13 -18.67 -20.60
N TRP B 266 30.12 -19.26 -19.42
CA TRP B 266 28.89 -19.25 -18.60
C TRP B 266 27.59 -19.56 -19.29
N HIS B 267 27.56 -20.43 -20.29
CA HIS B 267 26.42 -20.38 -21.20
C HIS B 267 25.13 -20.46 -20.38
N ILE B 268 24.28 -19.43 -20.48
CA ILE B 268 23.16 -19.33 -19.53
C ILE B 268 21.90 -19.99 -20.03
N ASP B 269 21.40 -19.54 -21.18
CA ASP B 269 20.19 -20.12 -21.71
C ASP B 269 20.34 -21.64 -21.72
N GLU B 270 21.58 -22.08 -21.94
CA GLU B 270 21.94 -23.49 -21.87
C GLU B 270 21.66 -24.10 -20.50
N LYS B 271 22.36 -23.59 -19.47
CA LYS B 271 22.20 -24.08 -18.10
C LYS B 271 20.74 -24.02 -17.62
N ILE B 272 19.99 -23.07 -18.19
CA ILE B 272 18.59 -22.86 -17.83
C ILE B 272 17.78 -24.00 -18.41
N ILE B 273 18.02 -24.37 -19.67
CA ILE B 273 17.27 -25.50 -20.20
C ILE B 273 17.69 -26.79 -19.50
N GLN B 274 18.99 -26.95 -19.22
CA GLN B 274 19.44 -28.18 -18.54
C GLN B 274 18.73 -28.30 -17.20
N LEU B 275 18.74 -27.20 -16.45
CA LEU B 275 18.17 -27.18 -15.12
C LEU B 275 16.64 -27.33 -15.08
N GLU B 276 15.93 -26.70 -16.00
CA GLU B 276 14.49 -26.87 -16.06
C GLU B 276 14.13 -28.29 -16.50
N LYS B 277 15.00 -28.90 -17.31
CA LYS B 277 14.86 -30.32 -17.64
C LYS B 277 15.05 -31.20 -16.39
N GLU B 278 16.19 -31.03 -15.69
CA GLU B 278 16.44 -31.75 -14.44
C GLU B 278 15.22 -31.64 -13.54
N MET B 279 14.68 -30.43 -13.44
CA MET B 279 13.50 -30.20 -12.65
C MET B 279 12.33 -31.08 -13.11
N ALA B 280 11.92 -31.00 -14.38
CA ALA B 280 10.83 -31.86 -14.85
C ALA B 280 11.06 -33.35 -14.52
N ASP B 281 12.32 -33.78 -14.65
CA ASP B 281 12.75 -35.11 -14.22
C ASP B 281 12.30 -35.39 -12.80
N LEU B 282 12.84 -34.63 -11.84
CA LEU B 282 12.42 -34.77 -10.45
C LEU B 282 10.89 -34.67 -10.28
N ASP B 283 10.21 -33.96 -11.17
CA ASP B 283 8.76 -33.80 -11.01
C ASP B 283 8.04 -35.09 -11.37
N LYS B 284 8.60 -35.84 -12.31
CA LYS B 284 8.05 -37.16 -12.60
C LYS B 284 8.51 -38.23 -11.58
N LYS B 285 9.75 -38.13 -11.11
CA LYS B 285 10.32 -39.12 -10.20
C LYS B 285 9.90 -38.99 -8.73
N MET B 286 9.48 -37.79 -8.32
CA MET B 286 9.12 -37.52 -6.93
C MET B 286 7.79 -38.14 -6.54
N GLU B 287 7.12 -38.80 -7.50
CA GLU B 287 5.73 -39.24 -7.32
C GLU B 287 5.50 -39.99 -6.00
N GLY B 288 5.87 -41.27 -5.94
CA GLY B 288 5.84 -42.05 -4.72
C GLY B 288 4.54 -41.99 -3.91
N LYS B 289 3.43 -41.61 -4.56
CA LYS B 289 2.16 -41.37 -3.84
C LYS B 289 0.92 -41.59 -4.72
N VAL C 6 -43.80 17.06 2.06
CA VAL C 6 -42.34 17.07 2.24
C VAL C 6 -41.62 16.02 1.34
N SER C 7 -40.44 16.37 0.80
CA SER C 7 -39.74 15.54 -0.21
C SER C 7 -39.20 14.18 0.29
N GLU C 8 -38.90 13.30 -0.66
CA GLU C 8 -38.75 11.86 -0.41
C GLU C 8 -37.87 11.44 0.76
N LEU C 9 -36.80 12.19 1.02
CA LEU C 9 -35.88 11.84 2.11
C LEU C 9 -36.62 11.67 3.43
N GLY C 10 -37.59 12.55 3.70
CA GLY C 10 -38.42 12.44 4.88
C GLY C 10 -39.17 11.12 4.90
N PHE C 11 -39.82 10.81 3.77
CA PHE C 11 -40.52 9.54 3.57
C PHE C 11 -39.61 8.39 4.02
N LEU C 12 -38.39 8.39 3.50
CA LEU C 12 -37.38 7.38 3.85
C LEU C 12 -37.14 7.30 5.36
N CYS C 13 -36.77 8.44 5.96
CA CYS C 13 -36.35 8.50 7.37
C CYS C 13 -37.43 8.05 8.33
N GLY C 14 -38.61 8.67 8.21
CA GLY C 14 -39.72 8.37 9.07
C GLY C 14 -40.27 6.98 8.84
N MET C 15 -40.11 6.48 7.62
CA MET C 15 -40.51 5.11 7.30
C MET C 15 -39.44 4.08 7.64
N MET C 16 -38.25 4.56 8.04
CA MET C 16 -37.21 3.69 8.57
C MET C 16 -36.58 2.71 7.56
N ARG C 17 -36.37 3.16 6.32
CA ARG C 17 -35.87 2.24 5.30
C ARG C 17 -34.36 2.37 5.13
N SER C 18 -33.65 1.39 5.65
CA SER C 18 -32.19 1.38 5.62
C SER C 18 -31.68 1.42 4.18
N ARG C 19 -31.82 0.30 3.49
CA ARG C 19 -31.29 0.17 2.13
C ARG C 19 -31.88 1.19 1.17
N GLY C 20 -33.08 1.68 1.49
CA GLY C 20 -33.70 2.74 0.71
C GLY C 20 -32.87 4.02 0.75
N LEU C 21 -32.51 4.42 1.97
CA LEU C 21 -31.63 5.57 2.21
C LEU C 21 -30.24 5.40 1.58
N ARG C 22 -29.63 4.24 1.82
CA ARG C 22 -28.37 3.87 1.16
C ARG C 22 -28.44 4.17 -0.34
N LYS C 23 -29.36 3.48 -1.02
CA LYS C 23 -29.54 3.69 -2.46
C LYS C 23 -29.75 5.16 -2.78
N TYR C 24 -30.50 5.85 -1.91
CA TYR C 24 -30.82 7.26 -2.11
C TYR C 24 -29.57 8.14 -2.22
N ILE C 25 -28.72 8.04 -1.21
CA ILE C 25 -27.47 8.80 -1.19
C ILE C 25 -26.57 8.39 -2.36
N ILE C 26 -26.33 7.07 -2.47
CA ILE C 26 -25.46 6.54 -3.52
C ILE C 26 -25.91 7.12 -4.85
N SER C 27 -27.21 7.44 -4.90
CA SER C 27 -27.83 8.04 -6.08
C SER C 27 -27.51 9.53 -6.22
N HIS C 28 -27.56 10.25 -5.10
CA HIS C 28 -27.33 11.70 -5.16
C HIS C 28 -25.88 12.14 -5.13
N LEU C 29 -24.95 11.19 -5.18
CA LEU C 29 -23.52 11.54 -5.11
C LEU C 29 -22.99 12.59 -6.12
N SER C 30 -23.71 12.85 -7.20
CA SER C 30 -23.26 13.86 -8.18
C SER C 30 -22.95 15.22 -7.55
N ASP C 31 -23.81 15.65 -6.62
CA ASP C 31 -23.53 16.81 -5.78
C ASP C 31 -23.71 16.41 -4.31
N VAL C 32 -22.59 16.35 -3.58
CA VAL C 32 -22.57 15.91 -2.19
C VAL C 32 -23.02 17.04 -1.27
N ALA C 33 -22.78 18.28 -1.71
CA ALA C 33 -23.19 19.50 -1.02
C ALA C 33 -24.63 19.42 -0.52
N LYS C 34 -25.53 19.23 -1.48
CA LYS C 34 -26.95 19.03 -1.16
C LYS C 34 -27.10 18.01 -0.03
N LEU C 35 -26.45 16.86 -0.16
CA LEU C 35 -26.51 15.82 0.86
C LEU C 35 -26.10 16.32 2.23
N ARG C 36 -25.05 17.14 2.29
CA ARG C 36 -24.59 17.69 3.56
C ARG C 36 -25.69 18.54 4.14
N GLU C 37 -26.19 19.47 3.33
CA GLU C 37 -27.28 20.33 3.75
C GLU C 37 -28.49 19.56 4.32
N GLU C 38 -29.15 18.77 3.47
CA GLU C 38 -30.43 18.14 3.82
C GLU C 38 -30.44 16.75 4.51
N VAL C 39 -29.36 15.98 4.44
CA VAL C 39 -29.39 14.61 4.98
C VAL C 39 -29.55 14.57 6.50
N PRO C 40 -28.69 15.31 7.23
CA PRO C 40 -28.74 15.29 8.70
C PRO C 40 -30.01 15.98 9.22
N ALA C 41 -30.54 16.91 8.43
CA ALA C 41 -31.83 17.53 8.70
C ALA C 41 -32.89 16.43 8.79
N ALA C 42 -33.12 15.76 7.65
CA ALA C 42 -34.07 14.65 7.56
C ALA C 42 -33.87 13.60 8.65
N LEU C 43 -32.60 13.33 8.95
CA LEU C 43 -32.25 12.31 9.94
C LEU C 43 -32.84 12.57 11.33
N LYS C 44 -32.99 13.85 11.68
CA LYS C 44 -33.58 14.27 12.95
C LYS C 44 -35.08 14.01 12.94
N GLY C 45 -35.68 14.20 11.76
CA GLY C 45 -37.10 14.06 11.56
C GLY C 45 -37.50 12.60 11.39
N ALA C 46 -36.64 11.72 11.88
CA ALA C 46 -36.87 10.28 11.85
C ALA C 46 -36.95 9.68 13.26
N PRO C 47 -37.65 8.53 13.38
CA PRO C 47 -38.02 7.77 14.58
C PRO C 47 -36.93 6.83 15.13
N LYS C 48 -36.07 7.31 16.04
CA LYS C 48 -34.90 6.54 16.53
C LYS C 48 -33.77 6.31 15.52
N PRO C 49 -33.08 7.40 15.11
CA PRO C 49 -32.11 7.47 14.01
C PRO C 49 -30.81 6.73 14.28
N ALA C 50 -30.49 6.47 15.54
CA ALA C 50 -29.27 5.77 15.87
C ALA C 50 -29.29 4.37 15.26
N LYS C 51 -30.38 3.65 15.46
CA LYS C 51 -30.48 2.31 14.88
C LYS C 51 -30.72 2.27 13.37
N LEU C 52 -31.42 3.28 12.84
CA LEU C 52 -31.53 3.43 11.38
C LEU C 52 -30.12 3.48 10.81
N VAL C 53 -29.29 4.35 11.36
CA VAL C 53 -27.94 4.54 10.86
C VAL C 53 -27.06 3.32 11.06
N LEU C 54 -27.19 2.67 12.22
CA LEU C 54 -26.42 1.44 12.51
C LEU C 54 -26.73 0.25 11.57
N GLU C 55 -28.02 -0.03 11.35
CA GLU C 55 -28.44 -1.04 10.38
C GLU C 55 -28.04 -0.57 8.98
N CYS C 56 -28.18 0.73 8.77
CA CYS C 56 -27.96 1.39 7.50
C CYS C 56 -26.50 1.33 7.07
N ILE C 57 -25.65 0.79 7.94
CA ILE C 57 -24.21 0.95 7.76
C ILE C 57 -23.62 0.04 6.68
N GLY C 58 -23.50 -1.25 6.99
CA GLY C 58 -23.05 -2.23 6.04
C GLY C 58 -22.45 -3.41 6.76
N ARG C 59 -22.24 -4.49 6.02
CA ARG C 59 -21.65 -5.69 6.58
C ARG C 59 -20.17 -5.74 6.22
N PHE C 60 -19.88 -5.73 4.92
CA PHE C 60 -18.49 -5.81 4.43
C PHE C 60 -17.61 -4.78 5.09
N PHE C 61 -18.21 -3.78 5.71
CA PHE C 61 -17.45 -2.77 6.47
C PHE C 61 -16.76 -3.35 7.72
N LEU C 62 -17.50 -3.99 8.62
CA LEU C 62 -16.84 -4.65 9.75
C LEU C 62 -16.41 -6.09 9.43
N GLN C 63 -16.89 -6.64 8.31
CA GLN C 63 -16.64 -8.03 7.94
C GLN C 63 -15.15 -8.33 7.69
N GLY C 64 -14.78 -9.61 7.76
CA GLY C 64 -13.38 -10.07 7.81
C GLY C 64 -12.34 -9.69 6.76
N SER C 65 -12.79 -9.23 5.60
CA SER C 65 -11.93 -8.56 4.62
C SER C 65 -12.86 -8.29 3.44
N LYS C 66 -12.50 -7.39 2.53
CA LYS C 66 -13.51 -7.07 1.50
C LYS C 66 -13.12 -6.77 0.04
N ALA C 67 -14.17 -6.62 -0.75
CA ALA C 67 -14.13 -6.25 -2.17
C ALA C 67 -13.05 -7.01 -2.91
N PHE C 68 -12.44 -6.33 -3.86
CA PHE C 68 -11.18 -6.76 -4.42
C PHE C 68 -10.27 -5.53 -4.48
N GLY C 69 -10.69 -4.54 -5.27
CA GLY C 69 -9.98 -3.28 -5.38
C GLY C 69 -10.29 -2.42 -4.16
N LYS C 70 -10.72 -3.10 -3.09
CA LYS C 70 -11.20 -2.51 -1.82
C LYS C 70 -10.34 -1.42 -1.19
N ALA C 71 -9.09 -1.73 -0.89
CA ALA C 71 -8.24 -0.82 -0.14
C ALA C 71 -7.73 0.33 -1.02
N THR C 72 -7.62 1.51 -0.43
CA THR C 72 -7.19 2.70 -1.14
C THR C 72 -7.94 2.94 -2.45
N HIS C 73 -9.27 2.80 -2.44
CA HIS C 73 -10.09 3.35 -3.54
C HIS C 73 -11.33 4.19 -3.18
N MET C 74 -12.26 3.62 -2.41
CA MET C 74 -13.60 4.21 -2.22
C MET C 74 -14.60 4.13 -3.38
N VAL C 75 -15.13 2.93 -3.56
CA VAL C 75 -16.38 2.69 -4.26
C VAL C 75 -17.57 3.30 -3.52
N PRO C 76 -18.59 3.78 -4.25
CA PRO C 76 -19.83 4.35 -3.70
C PRO C 76 -20.56 3.57 -2.58
N SER C 77 -20.44 2.26 -2.47
CA SER C 77 -20.95 1.60 -1.27
C SER C 77 -20.28 2.17 -0.01
N ARG C 78 -18.97 1.94 0.12
CA ARG C 78 -18.20 2.43 1.26
C ARG C 78 -18.46 3.91 1.51
N GLN C 79 -18.35 4.70 0.45
CA GLN C 79 -18.59 6.12 0.50
C GLN C 79 -19.94 6.49 1.12
N ALA C 80 -21.02 5.93 0.58
CA ALA C 80 -22.33 6.22 1.14
C ALA C 80 -22.33 5.94 2.62
N SER C 81 -21.72 4.84 3.04
CA SER C 81 -21.73 4.54 4.48
C SER C 81 -20.88 5.50 5.35
N LEU C 82 -19.66 5.84 4.90
CA LEU C 82 -18.88 6.93 5.52
C LEU C 82 -19.76 8.18 5.69
N LEU C 83 -20.20 8.74 4.56
CA LEU C 83 -21.09 9.91 4.54
C LEU C 83 -22.32 9.84 5.48
N ILE C 84 -22.93 8.65 5.60
CA ILE C 84 -24.06 8.54 6.51
C ILE C 84 -23.54 8.75 7.90
N LEU C 85 -22.44 8.07 8.21
CA LEU C 85 -21.87 8.29 9.54
C LEU C 85 -21.64 9.79 9.82
N GLU C 86 -20.96 10.51 8.92
CA GLU C 86 -20.74 11.94 9.14
C GLU C 86 -22.04 12.69 9.38
N PHE C 87 -22.98 12.54 8.45
CA PHE C 87 -24.28 13.20 8.56
C PHE C 87 -25.00 12.95 9.88
N PHE C 88 -24.95 11.71 10.36
CA PHE C 88 -25.54 11.37 11.65
C PHE C 88 -24.81 12.03 12.81
N LEU C 89 -23.48 12.10 12.73
CA LEU C 89 -22.71 12.85 13.75
C LEU C 89 -23.25 14.26 13.77
N LEU C 90 -23.34 14.87 12.59
CA LEU C 90 -23.64 16.29 12.51
C LEU C 90 -25.14 16.63 12.48
N SER C 91 -25.98 15.63 12.73
CA SER C 91 -27.41 15.85 12.97
C SER C 91 -27.72 16.04 14.47
N ASP C 92 -26.74 15.77 15.34
CA ASP C 92 -26.86 16.07 16.76
C ASP C 92 -28.01 15.37 17.50
N CYS C 93 -27.87 14.06 17.73
CA CYS C 93 -28.91 13.30 18.43
C CYS C 93 -28.34 12.37 19.49
N THR C 94 -28.83 12.47 20.73
CA THR C 94 -28.36 11.63 21.82
C THR C 94 -29.17 10.34 21.88
N GLU C 95 -29.99 10.14 20.85
CA GLU C 95 -31.10 9.19 20.86
C GLU C 95 -30.89 7.72 21.24
N MET C 96 -29.80 7.10 20.80
CA MET C 96 -29.65 5.63 20.90
C MET C 96 -29.94 4.97 22.27
N GLU C 97 -30.72 3.88 22.24
CA GLU C 97 -30.91 2.98 23.40
C GLU C 97 -29.93 1.80 23.36
N PRO C 98 -29.63 1.22 24.55
CA PRO C 98 -28.55 0.23 24.71
C PRO C 98 -28.47 -0.92 23.68
N SER C 99 -29.57 -1.30 23.04
CA SER C 99 -29.46 -2.26 21.94
C SER C 99 -28.48 -1.70 20.89
N VAL C 100 -28.90 -0.62 20.22
CA VAL C 100 -28.10 0.05 19.19
C VAL C 100 -26.64 0.28 19.64
N LYS C 101 -26.48 0.77 20.88
CA LYS C 101 -25.16 1.00 21.46
C LYS C 101 -24.34 -0.27 21.46
N GLU C 102 -24.80 -1.28 22.19
CA GLU C 102 -24.07 -2.53 22.27
C GLU C 102 -23.69 -3.11 20.90
N GLU C 103 -24.61 -3.01 19.94
CA GLU C 103 -24.31 -3.47 18.59
C GLU C 103 -23.18 -2.68 17.96
N ALA C 104 -23.37 -1.37 17.82
CA ALA C 104 -22.34 -0.54 17.21
C ALA C 104 -20.99 -0.78 17.89
N ASP C 105 -21.05 -1.08 19.18
CA ASP C 105 -19.86 -1.40 19.95
C ASP C 105 -19.18 -2.67 19.46
N LEU C 106 -19.95 -3.76 19.40
CA LEU C 106 -19.36 -5.00 18.89
C LEU C 106 -18.84 -4.77 17.47
N ALA C 107 -19.60 -4.06 16.66
CA ALA C 107 -19.18 -3.68 15.33
C ALA C 107 -17.74 -3.13 15.35
N ALA C 108 -17.55 -2.00 16.03
CA ALA C 108 -16.22 -1.41 16.12
C ALA C 108 -15.19 -2.38 16.67
N VAL C 109 -15.56 -3.23 17.63
CA VAL C 109 -14.56 -4.15 18.19
C VAL C 109 -14.05 -5.13 17.17
N THR C 110 -14.99 -5.76 16.44
CA THR C 110 -14.70 -6.75 15.39
C THR C 110 -13.82 -6.09 14.34
N TRP C 111 -14.25 -4.91 13.90
CA TRP C 111 -13.50 -4.08 12.97
C TRP C 111 -12.03 -3.90 13.39
N ARG C 112 -11.82 -3.41 14.61
CA ARG C 112 -10.48 -3.26 15.13
C ARG C 112 -9.73 -4.58 15.08
N LYS C 113 -10.38 -5.69 15.44
CA LYS C 113 -9.67 -6.97 15.41
C LYS C 113 -9.15 -7.19 14.02
N ARG C 114 -10.07 -7.05 13.05
CA ARG C 114 -9.73 -7.18 11.63
C ARG C 114 -8.50 -6.38 11.23
N LEU C 115 -8.56 -5.06 11.40
CA LEU C 115 -7.41 -4.18 11.19
C LEU C 115 -6.14 -4.61 11.90
N ILE C 116 -6.26 -5.22 13.09
CA ILE C 116 -5.08 -5.61 13.87
C ILE C 116 -4.40 -6.79 13.22
N ASN C 117 -5.22 -7.68 12.65
CA ASN C 117 -4.71 -8.82 11.86
C ASN C 117 -4.07 -8.42 10.51
N GLU C 118 -4.70 -7.49 9.81
CA GLU C 118 -4.22 -6.93 8.53
C GLU C 118 -2.88 -6.25 8.69
N GLY C 119 -2.31 -6.35 9.90
CA GLY C 119 -1.00 -5.79 10.24
C GLY C 119 -0.89 -4.68 11.27
N GLY C 120 -1.96 -4.45 12.02
CA GLY C 120 -1.95 -3.43 13.06
C GLY C 120 -2.78 -2.27 12.59
N VAL C 121 -3.13 -1.34 13.48
CA VAL C 121 -4.02 -0.24 13.08
C VAL C 121 -3.21 0.77 12.31
N SER C 122 -1.91 0.82 12.63
CA SER C 122 -0.95 1.74 12.01
C SER C 122 -1.01 1.72 10.50
N ASN C 123 -1.02 0.51 9.93
CA ASN C 123 -1.24 0.31 8.51
C ASN C 123 -2.72 0.04 8.30
N ALA C 124 -3.39 1.03 7.74
CA ALA C 124 -4.84 0.99 7.60
C ALA C 124 -5.17 1.98 6.50
N SER C 125 -6.35 1.86 5.91
CA SER C 125 -6.69 2.70 4.78
C SER C 125 -7.17 4.04 5.25
N ASP C 126 -7.01 5.06 4.41
CA ASP C 126 -7.69 6.31 4.66
C ASP C 126 -9.12 5.91 4.94
N ILE C 127 -9.72 5.17 4.01
CA ILE C 127 -11.12 4.75 4.12
C ILE C 127 -11.42 3.96 5.40
N ASP C 128 -10.58 2.97 5.72
CA ASP C 128 -10.85 2.16 6.91
C ASP C 128 -10.75 3.04 8.16
N ALA C 129 -9.61 3.71 8.34
CA ALA C 129 -9.39 4.56 9.51
C ALA C 129 -10.56 5.50 9.70
N ARG C 130 -10.77 6.41 8.76
CA ARG C 130 -11.87 7.35 8.91
C ARG C 130 -13.22 6.64 9.08
N GLY C 131 -13.29 5.39 8.61
CA GLY C 131 -14.48 4.59 8.77
C GLY C 131 -14.75 4.27 10.22
N LEU C 132 -13.78 3.65 10.88
CA LEU C 132 -13.91 3.26 12.29
C LEU C 132 -13.97 4.51 13.19
N LEU C 133 -13.22 5.55 12.80
CA LEU C 133 -13.25 6.83 13.52
C LEU C 133 -14.69 7.28 13.52
N LEU C 134 -15.23 7.57 12.33
CA LEU C 134 -16.63 7.95 12.17
C LEU C 134 -17.58 7.02 12.97
N LEU C 135 -17.35 5.71 12.90
CA LEU C 135 -18.21 4.72 13.59
C LEU C 135 -18.23 5.00 15.09
N VAL C 136 -17.10 4.72 15.71
CA VAL C 136 -16.87 4.91 17.13
C VAL C 136 -17.28 6.32 17.62
N ALA C 137 -16.94 7.33 16.82
CA ALA C 137 -17.31 8.73 17.06
C ALA C 137 -18.80 8.90 17.21
N SER C 138 -19.56 8.27 16.33
CA SER C 138 -21.02 8.31 16.41
C SER C 138 -21.63 7.49 17.57
N PHE C 139 -21.21 6.23 17.67
CA PHE C 139 -21.77 5.27 18.65
C PHE C 139 -20.95 4.98 19.90
N GLY C 140 -19.82 5.62 20.04
CA GLY C 140 -19.04 5.37 21.24
C GLY C 140 -17.87 4.43 21.09
N ILE C 141 -16.89 4.63 21.95
CA ILE C 141 -15.65 3.88 21.88
C ILE C 141 -15.64 2.62 22.74
N PRO C 142 -15.37 1.47 22.11
CA PRO C 142 -15.13 0.20 22.79
C PRO C 142 -14.12 0.30 23.90
N ALA C 143 -14.42 -0.34 25.03
CA ALA C 143 -13.49 -0.40 26.15
C ALA C 143 -12.11 -0.80 25.67
N LEU C 144 -12.10 -1.88 24.92
CA LEU C 144 -10.87 -2.49 24.44
C LEU C 144 -9.92 -1.52 23.76
N PHE C 145 -10.46 -0.58 22.97
CA PHE C 145 -9.62 0.31 22.14
C PHE C 145 -8.57 0.93 23.03
N ARG C 146 -7.31 0.76 22.67
CA ARG C 146 -6.18 1.41 23.32
C ARG C 146 -6.12 2.89 22.94
N ASN C 147 -5.30 3.67 23.63
CA ASN C 147 -5.08 5.03 23.17
C ASN C 147 -4.35 5.07 21.85
N GLU C 148 -3.22 4.39 21.76
CA GLU C 148 -2.44 4.43 20.52
C GLU C 148 -3.29 4.13 19.29
N ASP C 149 -4.28 3.26 19.46
CA ASP C 149 -5.24 2.98 18.39
C ASP C 149 -5.91 4.25 17.92
N LEU C 150 -6.65 4.90 18.81
CA LEU C 150 -7.33 6.14 18.50
C LEU C 150 -6.36 7.16 17.92
N ARG C 151 -5.13 7.18 18.43
CA ARG C 151 -4.17 8.09 17.88
C ARG C 151 -4.04 7.81 16.40
N ASN C 152 -3.77 6.55 16.06
CA ASN C 152 -3.59 6.10 14.67
C ASN C 152 -4.83 6.33 13.80
N LEU C 153 -6.01 6.07 14.35
CA LEU C 153 -7.21 6.40 13.60
C LEU C 153 -7.21 7.88 13.21
N ILE C 154 -7.15 8.77 14.20
CA ILE C 154 -7.08 10.21 13.94
C ILE C 154 -5.98 10.55 12.92
N ARG C 155 -4.85 9.88 13.02
CA ARG C 155 -3.70 10.23 12.22
C ARG C 155 -3.96 9.91 10.76
N LEU C 156 -4.58 8.75 10.54
CA LEU C 156 -4.83 8.25 9.19
C LEU C 156 -6.08 8.78 8.51
N SER C 157 -7.11 9.10 9.27
CA SER C 157 -8.40 9.45 8.70
C SER C 157 -8.47 10.72 7.83
N CYS C 158 -7.38 11.50 7.80
CA CYS C 158 -7.35 12.82 7.16
C CYS C 158 -8.43 13.68 7.80
N PRO C 159 -8.30 13.90 9.13
CA PRO C 159 -9.42 14.26 10.02
C PRO C 159 -9.90 15.69 9.81
N LYS C 160 -9.11 16.51 9.10
CA LYS C 160 -9.34 17.95 9.03
C LYS C 160 -10.52 18.34 8.18
N GLU C 161 -10.62 17.74 7.00
CA GLU C 161 -11.78 17.94 6.13
C GLU C 161 -13.01 17.27 6.76
N ILE C 162 -12.76 16.50 7.81
CA ILE C 162 -13.82 15.89 8.63
C ILE C 162 -14.13 16.61 9.98
N SER C 163 -13.44 17.73 10.22
CA SER C 163 -13.41 18.32 11.58
C SER C 163 -14.79 18.67 12.12
N ASP C 164 -15.54 19.52 11.44
CA ASP C 164 -16.79 20.02 11.99
C ASP C 164 -17.59 18.86 12.56
N ALA C 165 -17.76 17.84 11.73
CA ALA C 165 -18.62 16.73 12.06
C ALA C 165 -17.95 15.85 13.09
N LEU C 166 -16.64 15.90 13.13
CA LEU C 166 -15.89 15.08 14.06
C LEU C 166 -16.01 15.66 15.47
N ARG C 167 -15.94 16.98 15.59
CA ARG C 167 -15.85 17.60 16.90
C ARG C 167 -17.25 17.77 17.51
N ARG C 168 -18.23 17.31 16.76
CA ARG C 168 -19.59 17.16 17.24
C ARG C 168 -19.76 15.93 18.15
N SER C 169 -18.68 15.15 18.31
CA SER C 169 -18.81 13.75 18.71
C SER C 169 -19.31 13.59 20.12
N ARG C 170 -18.51 14.00 21.09
CA ARG C 170 -18.89 13.83 22.48
C ARG C 170 -18.47 12.50 23.10
N PHE C 171 -18.11 11.54 22.27
CA PHE C 171 -17.50 10.32 22.79
C PHE C 171 -16.05 10.54 22.57
N LEU C 172 -15.76 10.87 21.31
CA LEU C 172 -14.51 11.45 20.91
C LEU C 172 -14.10 12.62 21.82
N LEU C 173 -14.90 13.68 21.88
CA LEU C 173 -14.51 14.85 22.70
C LEU C 173 -14.04 14.49 24.12
N ALA C 174 -14.69 13.52 24.76
CA ALA C 174 -14.26 13.02 26.06
C ALA C 174 -12.91 12.27 26.07
N ARG C 175 -12.73 11.40 25.08
CA ARG C 175 -11.56 10.54 25.05
C ARG C 175 -10.32 11.16 24.43
N VAL C 176 -10.50 12.09 23.49
CA VAL C 176 -9.39 12.62 22.69
C VAL C 176 -8.37 13.38 23.51
N PRO C 177 -8.83 14.20 24.47
CA PRO C 177 -7.90 15.00 25.26
C PRO C 177 -6.97 14.04 25.93
N ASP C 178 -7.56 13.01 26.51
CA ASP C 178 -6.78 12.00 27.16
C ASP C 178 -5.69 11.47 26.22
N VAL C 179 -6.05 11.24 24.95
CA VAL C 179 -5.09 10.63 24.00
C VAL C 179 -3.99 11.61 23.57
N ILE C 180 -4.32 12.91 23.57
CA ILE C 180 -3.35 13.96 23.28
C ILE C 180 -2.35 14.11 24.44
N GLN C 181 -2.82 13.99 25.67
CA GLN C 181 -1.93 14.01 26.82
C GLN C 181 -0.90 12.91 26.63
N GLY C 182 -1.38 11.74 26.24
CA GLY C 182 -0.50 10.64 25.96
C GLY C 182 0.58 11.05 24.99
N MET C 183 0.15 11.59 23.85
CA MET C 183 1.07 11.97 22.78
C MET C 183 2.08 12.98 23.30
N ILE C 184 1.62 13.86 24.20
CA ILE C 184 2.45 14.92 24.73
C ILE C 184 3.58 14.32 25.56
N LYS C 185 3.23 13.32 26.37
CA LYS C 185 4.21 12.64 27.21
C LYS C 185 5.25 11.83 26.41
N ASN C 186 4.98 11.61 25.13
CA ASN C 186 5.86 10.80 24.29
C ASN C 186 6.84 11.47 23.32
N GLN C 187 6.98 12.79 23.39
CA GLN C 187 7.89 13.53 22.50
C GLN C 187 7.22 13.87 21.17
N MET C 188 5.96 13.49 21.10
CA MET C 188 5.05 13.70 19.99
C MET C 188 4.42 15.08 20.04
N ASN C 189 5.12 16.03 20.66
CA ASN C 189 4.61 17.39 20.87
C ASN C 189 3.85 17.97 19.68
N VAL C 190 4.55 18.19 18.57
CA VAL C 190 3.98 18.93 17.46
C VAL C 190 2.65 18.34 17.02
N GLU C 191 2.61 17.02 16.96
CA GLU C 191 1.43 16.28 16.56
C GLU C 191 0.32 16.44 17.57
N ALA C 192 0.67 16.50 18.86
CA ALA C 192 -0.35 16.71 19.87
C ALA C 192 -0.96 18.07 19.68
N VAL C 193 -0.12 19.07 19.41
CA VAL C 193 -0.65 20.40 19.09
C VAL C 193 -1.58 20.30 17.89
N ASP C 194 -1.21 19.50 16.89
CA ASP C 194 -2.09 19.32 15.73
C ASP C 194 -3.45 18.71 16.12
N PHE C 195 -3.44 17.62 16.88
CA PHE C 195 -4.69 16.96 17.24
C PHE C 195 -5.59 17.90 18.02
N ALA C 196 -4.98 18.53 19.02
CA ALA C 196 -5.65 19.52 19.82
C ALA C 196 -6.28 20.54 18.90
N TYR C 197 -5.48 21.28 18.13
CA TYR C 197 -6.03 22.31 17.26
C TYR C 197 -7.14 21.77 16.38
N THR C 198 -7.02 20.51 15.96
CA THR C 198 -7.96 19.93 15.00
C THR C 198 -9.33 19.64 15.59
N PHE C 199 -9.40 19.29 16.87
CA PHE C 199 -10.70 19.05 17.52
C PHE C 199 -11.29 20.25 18.27
N GLY C 200 -10.58 21.39 18.29
CA GLY C 200 -11.03 22.57 19.00
C GLY C 200 -10.76 22.46 20.49
N LEU C 201 -9.71 21.72 20.79
CA LEU C 201 -9.25 21.48 22.16
C LEU C 201 -8.08 22.34 22.58
N GLU C 202 -7.72 23.35 21.80
CA GLU C 202 -6.58 24.20 22.18
C GLU C 202 -6.69 24.61 23.65
N GLU C 203 -7.90 25.01 24.05
CA GLU C 203 -8.19 25.45 25.39
C GLU C 203 -7.70 24.52 26.50
N LYS C 204 -7.55 23.23 26.22
CA LYS C 204 -7.17 22.26 27.26
C LYS C 204 -5.71 21.87 27.33
N PHE C 205 -4.86 22.49 26.51
CA PHE C 205 -3.43 22.14 26.58
C PHE C 205 -2.50 23.34 26.57
N PRO C 206 -1.48 23.28 27.44
CA PRO C 206 -0.56 24.40 27.31
C PRO C 206 0.06 24.20 25.98
N ILE C 207 -0.23 25.07 25.02
CA ILE C 207 0.20 24.78 23.66
C ILE C 207 1.49 25.52 23.47
N TRP C 208 1.41 26.82 23.77
CA TRP C 208 2.59 27.64 23.79
C TRP C 208 3.69 26.93 24.57
N LYS C 209 3.34 26.29 25.68
CA LYS C 209 4.34 25.55 26.45
C LYS C 209 4.93 24.38 25.67
N ILE C 210 4.06 23.52 25.16
CA ILE C 210 4.46 22.36 24.37
C ILE C 210 5.37 22.70 23.18
N LEU C 211 4.91 23.56 22.28
CA LEU C 211 5.75 24.04 21.17
C LEU C 211 7.07 24.62 21.66
N THR C 212 7.01 25.44 22.71
CA THR C 212 8.21 26.09 23.22
C THR C 212 9.22 25.08 23.71
N SER C 213 8.75 24.08 24.44
CA SER C 213 9.60 23.00 24.89
C SER C 213 10.25 22.28 23.74
N PHE C 214 9.43 21.97 22.72
CA PHE C 214 9.92 21.31 21.53
C PHE C 214 11.10 22.10 20.93
N LEU C 215 10.81 23.32 20.52
CA LEU C 215 11.84 24.21 20.02
C LEU C 215 13.06 24.27 20.95
N ARG C 216 12.85 24.33 22.26
CA ARG C 216 13.99 24.43 23.17
C ARG C 216 14.87 23.18 23.08
N GLU C 217 14.26 22.01 23.23
CA GLU C 217 15.01 20.77 23.12
C GLU C 217 15.82 20.73 21.84
N HIS C 218 15.21 21.06 20.71
CA HIS C 218 15.99 21.02 19.48
C HIS C 218 17.09 22.09 19.42
N LYS C 219 16.86 23.23 20.08
CA LYS C 219 17.89 24.27 20.16
C LYS C 219 19.09 23.70 20.93
N GLU C 220 18.82 22.98 22.01
CA GLU C 220 19.89 22.38 22.79
C GLU C 220 20.59 21.22 22.07
N GLU C 221 19.85 20.43 21.30
CA GLU C 221 20.46 19.35 20.52
C GLU C 221 21.40 19.96 19.51
N TRP C 222 20.94 21.05 18.89
CA TRP C 222 21.69 21.73 17.86
C TRP C 222 22.97 22.36 18.39
N LYS C 223 22.89 22.95 19.58
CA LYS C 223 24.09 23.46 20.25
C LYS C 223 25.04 22.32 20.66
N ARG C 224 24.47 21.21 21.13
CA ARG C 224 25.24 20.05 21.59
C ARG C 224 26.35 19.69 20.61
N THR C 225 26.00 19.59 19.33
CA THR C 225 27.01 19.38 18.31
C THR C 225 27.27 20.72 17.65
N ARG C 226 28.37 21.37 18.06
CA ARG C 226 28.62 22.75 17.69
C ARG C 226 30.00 22.89 17.09
N GLU C 227 31.04 22.60 17.87
CA GLU C 227 32.27 22.25 17.18
C GLU C 227 32.36 20.74 17.23
N GLU C 228 32.01 20.15 16.09
CA GLU C 228 32.37 18.80 15.74
C GLU C 228 33.49 18.79 14.69
N ASP C 229 33.91 19.97 14.26
CA ASP C 229 34.72 20.11 13.04
C ASP C 229 33.93 19.47 11.91
N SER C 230 34.57 18.62 11.11
CA SER C 230 33.84 17.66 10.25
C SER C 230 32.54 18.25 9.68
N PRO C 231 32.66 19.12 8.66
CA PRO C 231 31.55 19.99 8.25
C PRO C 231 30.22 19.26 8.12
N ILE C 232 30.27 17.98 7.71
CA ILE C 232 29.07 17.19 7.44
C ILE C 232 28.18 16.95 8.67
N ARG C 233 28.78 16.73 9.85
CA ARG C 233 27.99 16.64 11.09
C ARG C 233 27.32 17.98 11.39
N LEU C 234 28.03 19.05 11.09
CA LEU C 234 27.50 20.40 11.23
C LEU C 234 26.24 20.59 10.35
N LYS C 235 26.38 20.33 9.05
CA LYS C 235 25.25 20.41 8.14
C LYS C 235 24.09 19.49 8.56
N LYS C 236 24.39 18.24 8.91
CA LYS C 236 23.34 17.33 9.39
C LYS C 236 22.54 17.95 10.55
N ALA C 237 23.23 18.42 11.59
CA ALA C 237 22.49 18.99 12.73
C ALA C 237 21.73 20.27 12.36
N ASN C 238 22.25 21.04 11.41
CA ASN C 238 21.51 22.19 10.87
C ASN C 238 20.22 21.77 10.19
N GLU C 239 20.32 20.82 9.27
CA GLU C 239 19.14 20.32 8.59
C GLU C 239 18.13 19.86 9.61
N ASN C 240 18.58 19.08 10.60
CA ASN C 240 17.66 18.59 11.61
C ASN C 240 16.91 19.70 12.33
N TYR C 241 17.66 20.69 12.79
CA TYR C 241 17.08 21.80 13.52
C TYR C 241 16.03 22.49 12.66
N LEU C 242 16.43 22.90 11.45
CA LEU C 242 15.53 23.58 10.51
C LEU C 242 14.28 22.77 10.31
N SER C 243 14.44 21.49 10.03
CA SER C 243 13.28 20.64 9.89
C SER C 243 12.36 20.81 11.11
N ALA C 244 12.89 20.74 12.33
CA ALA C 244 12.02 20.91 13.54
C ALA C 244 11.28 22.26 13.54
N MET C 245 12.03 23.33 13.29
CA MET C 245 11.41 24.63 13.12
C MET C 245 10.27 24.61 12.12
N LYS C 246 10.58 24.37 10.85
CA LYS C 246 9.56 24.35 9.81
C LYS C 246 8.40 23.43 10.21
N SER C 247 8.69 22.41 11.00
CA SER C 247 7.68 21.49 11.47
C SER C 247 6.63 22.20 12.30
N VAL C 248 7.11 22.98 13.28
CA VAL C 248 6.22 23.79 14.11
C VAL C 248 5.54 24.88 13.28
N THR C 249 6.33 25.56 12.44
CA THR C 249 5.83 26.53 11.47
C THR C 249 4.59 26.03 10.71
N ARG C 250 4.72 24.88 10.04
CA ARG C 250 3.60 24.29 9.33
C ARG C 250 2.46 23.89 10.24
N CYS C 251 2.74 23.15 11.31
CA CYS C 251 1.63 22.77 12.16
C CYS C 251 0.79 23.99 12.50
N LEU C 252 1.45 25.11 12.82
CA LEU C 252 0.72 26.34 13.17
C LEU C 252 -0.04 26.93 11.98
N GLU C 253 0.65 27.25 10.89
CA GLU C 253 -0.05 27.95 9.80
C GLU C 253 -1.16 27.10 9.16
N ASP C 254 -1.08 25.79 9.35
CA ASP C 254 -2.14 24.86 8.93
C ASP C 254 -3.44 25.21 9.58
N HIS C 255 -3.36 25.48 10.88
CA HIS C 255 -4.49 25.84 11.71
C HIS C 255 -4.74 27.34 11.76
N ARG C 256 -4.06 28.09 10.89
CA ARG C 256 -4.26 29.53 10.78
C ARG C 256 -3.78 30.24 12.05
N VAL C 257 -2.67 29.77 12.60
CA VAL C 257 -2.02 30.43 13.72
C VAL C 257 -0.72 31.05 13.20
N ASP C 258 -0.52 32.35 13.41
CA ASP C 258 0.68 33.01 12.90
C ASP C 258 1.83 32.83 13.89
N PRO C 259 2.81 32.01 13.53
CA PRO C 259 3.99 31.73 14.34
C PRO C 259 4.84 32.97 14.54
N SER C 260 4.61 34.01 13.75
CA SER C 260 5.34 35.26 13.87
C SER C 260 4.84 35.98 15.13
N LYS C 261 3.79 35.42 15.74
CA LYS C 261 3.12 36.01 16.89
C LYS C 261 3.12 35.09 18.10
N LEU C 262 2.52 33.92 17.95
CA LEU C 262 2.43 32.92 19.03
C LEU C 262 3.79 32.46 19.52
N LEU C 263 4.68 32.17 18.59
CA LEU C 263 6.08 31.88 18.92
C LEU C 263 7.01 33.07 18.77
N SER C 264 6.47 34.25 18.51
CA SER C 264 7.33 35.43 18.39
C SER C 264 8.27 35.45 19.59
N GLY C 265 9.51 35.77 19.35
CA GLY C 265 10.47 35.68 20.44
C GLY C 265 11.40 34.51 20.26
N TRP C 266 11.05 33.59 19.36
CA TRP C 266 12.03 32.64 18.82
C TRP C 266 12.60 33.18 17.53
N HIS C 267 11.89 34.17 16.98
CA HIS C 267 12.31 34.77 15.74
C HIS C 267 12.63 33.66 14.75
N ILE C 268 11.65 32.79 14.54
CA ILE C 268 11.87 31.63 13.69
C ILE C 268 12.29 32.00 12.26
N ASP C 269 11.54 32.88 11.59
CA ASP C 269 11.88 33.24 10.22
C ASP C 269 13.36 33.62 10.16
N GLU C 270 13.77 34.42 11.13
CA GLU C 270 15.13 34.92 11.17
C GLU C 270 16.16 33.82 11.45
N LYS C 271 15.86 32.92 12.38
CA LYS C 271 16.79 31.83 12.68
C LYS C 271 16.90 30.87 11.50
N ILE C 272 15.87 30.85 10.68
CA ILE C 272 15.88 30.01 9.50
C ILE C 272 16.80 30.64 8.49
N ILE C 273 16.68 31.94 8.27
CA ILE C 273 17.61 32.56 7.30
C ILE C 273 19.04 32.41 7.80
N GLN C 274 19.24 32.55 9.10
CA GLN C 274 20.59 32.41 9.65
C GLN C 274 21.15 31.01 9.41
N LEU C 275 20.36 29.98 9.74
CA LEU C 275 20.81 28.61 9.55
C LEU C 275 21.04 28.27 8.08
N GLU C 276 20.20 28.79 7.19
CA GLU C 276 20.42 28.50 5.78
C GLU C 276 21.66 29.21 5.24
N LYS C 277 21.85 30.48 5.61
CA LYS C 277 23.07 31.19 5.21
C LYS C 277 24.29 30.40 5.71
N GLU C 278 24.34 30.14 7.01
CA GLU C 278 25.41 29.33 7.57
C GLU C 278 25.58 27.98 6.86
N MET C 279 24.51 27.49 6.26
CA MET C 279 24.59 26.23 5.53
C MET C 279 25.28 26.41 4.18
N ALA C 280 24.93 27.45 3.43
CA ALA C 280 25.62 27.73 2.16
C ALA C 280 27.11 28.02 2.40
N ASP C 281 27.39 28.78 3.48
CA ASP C 281 28.75 28.99 3.95
C ASP C 281 29.46 27.66 4.12
N LEU C 282 28.83 26.79 4.91
CA LEU C 282 29.32 25.46 5.21
C LEU C 282 29.55 24.63 3.94
N ASP C 283 28.81 24.94 2.86
CA ASP C 283 28.97 24.23 1.58
C ASP C 283 30.12 24.76 0.74
N LYS C 284 30.34 26.07 0.76
CA LYS C 284 31.49 26.65 0.10
C LYS C 284 32.78 26.09 0.70
N LYS C 285 32.70 25.65 1.96
CA LYS C 285 33.83 25.12 2.72
C LYS C 285 33.99 23.60 2.54
N MET C 286 33.19 23.03 1.65
CA MET C 286 33.30 21.59 1.34
C MET C 286 34.01 21.35 0.00
N GLU C 287 33.47 21.89 -1.09
CA GLU C 287 34.12 21.74 -2.38
C GLU C 287 35.45 22.52 -2.38
N GLY C 288 36.18 22.57 -3.50
CA GLY C 288 37.55 23.11 -3.54
C GLY C 288 37.91 24.43 -2.87
N LYS C 289 37.15 25.49 -3.15
CA LYS C 289 37.41 26.80 -2.53
C LYS C 289 36.14 27.50 -2.02
#